data_2FXA
#
_entry.id   2FXA
#
_cell.length_a   52.272
_cell.length_b   79.909
_cell.length_c   131.239
_cell.angle_alpha   90.00
_cell.angle_beta   100.18
_cell.angle_gamma   90.00
#
_symmetry.space_group_name_H-M   'P 1 21 1'
#
loop_
_entity.id
_entity.type
_entity.pdbx_description
1 polymer 'Protease production regulatory protein hpr'
2 non-polymer 1,2-ETHANEDIOL
3 non-polymer 'PENTAETHYLENE GLYCOL'
4 non-polymer 'HEXAETHYLENE GLYCOL'
5 non-polymer 'TRIETHYLENE GLYCOL'
6 water water
#
_entity_poly.entity_id   1
_entity_poly.type   'polypeptide(L)'
_entity_poly.pdbx_seq_one_letter_code
;GH(MSE)NRVEPPYDVKEALVFTQK(MSE)AQLSKALWKSIEKDWQQWLKPYDLNINEHHILWIAYQLNGASISEIAKFG
V(MSE)HVSTAFNFSKKLEERGYLRFSKRLNDKRNTYVQLTEEGTEVFWSLLEEFDPTRNAVFKGSQPLYHLFGKFPEVA
E(MSE)(MSE)C(MSE)IRHIYGDDF(MSE)EIFETSLTNIDNDFESVNGKLKKKAKDSAADEPAEELEPVNSGS
;
_entity_poly.pdbx_strand_id   A,B,C,D
#
# COMPACT_ATOMS: atom_id res chain seq x y z
N PRO A 8 3.11 -2.88 25.13
CA PRO A 8 4.22 -2.05 24.61
C PRO A 8 3.95 -1.64 23.18
N PRO A 9 3.85 -0.32 22.94
CA PRO A 9 3.57 0.24 21.60
C PRO A 9 4.32 -0.50 20.47
N TYR A 10 5.64 -0.28 20.39
CA TYR A 10 6.47 -0.90 19.35
C TYR A 10 7.55 -1.68 20.11
N ASP A 11 8.04 -2.76 19.48
CA ASP A 11 9.35 -3.32 19.80
C ASP A 11 10.44 -2.38 19.25
N VAL A 12 11.36 -1.93 20.11
CA VAL A 12 12.45 -1.04 19.70
C VAL A 12 13.33 -1.70 18.62
N LYS A 13 13.41 -3.02 18.61
CA LYS A 13 14.06 -3.78 17.55
C LYS A 13 13.36 -3.66 16.21
N GLU A 14 12.03 -3.71 16.22
CA GLU A 14 11.28 -3.48 15.01
C GLU A 14 11.44 -2.03 14.54
N ALA A 15 11.37 -1.07 15.44
CA ALA A 15 11.61 0.32 15.10
C ALA A 15 12.96 0.50 14.39
N LEU A 16 13.99 -0.18 14.89
CA LEU A 16 15.35 -0.11 14.33
C LEU A 16 15.40 -0.70 12.92
N VAL A 17 14.84 -1.87 12.79
CA VAL A 17 14.75 -2.53 11.50
C VAL A 17 14.00 -1.63 10.49
N PHE A 18 12.85 -1.10 10.88
CA PHE A 18 12.11 -0.18 10.01
C PHE A 18 12.94 1.05 9.60
N THR A 19 13.51 1.69 10.59
CA THR A 19 14.39 2.83 10.43
C THR A 19 15.55 2.57 9.48
N GLN A 20 16.23 1.45 9.62
CA GLN A 20 17.31 1.14 8.71
C GLN A 20 16.81 0.72 7.31
N LYS A 21 15.63 0.10 7.22
CA LYS A 21 15.04 -0.19 5.91
C LYS A 21 14.73 1.15 5.20
N ALA A 23 16.15 4.13 5.73
CA ALA A 23 17.45 4.74 5.34
C ALA A 23 18.01 4.14 4.08
N GLN A 24 18.06 2.85 4.03
CA GLN A 24 18.60 2.17 2.88
C GLN A 24 17.80 2.44 1.56
N LEU A 25 16.48 2.33 1.61
CA LEU A 25 15.64 2.56 0.43
C LEU A 25 15.73 4.02 -0.01
N SER A 26 15.74 4.88 0.96
CA SER A 26 15.72 6.25 0.74
C SER A 26 17.06 6.76 0.13
N LYS A 27 18.18 6.20 0.59
CA LYS A 27 19.47 6.54 0.01
C LYS A 27 19.56 6.01 -1.42
N ALA A 28 19.15 4.77 -1.62
CA ALA A 28 19.14 4.15 -2.93
C ALA A 28 18.29 4.99 -3.92
N LEU A 29 17.08 5.35 -3.52
CA LEU A 29 16.18 6.09 -4.39
C LEU A 29 16.76 7.50 -4.72
N TRP A 30 17.20 8.24 -3.73
CA TRP A 30 17.80 9.53 -3.97
C TRP A 30 19.09 9.54 -4.78
N LYS A 31 19.97 8.56 -4.59
CA LYS A 31 21.21 8.49 -5.33
C LYS A 31 20.97 8.28 -6.79
N SER A 32 19.94 7.49 -7.07
CA SER A 32 19.52 7.22 -8.44
C SER A 32 18.95 8.48 -9.11
N ILE A 33 18.08 9.23 -8.43
CA ILE A 33 17.51 10.46 -8.95
C ILE A 33 18.60 11.50 -9.15
N GLU A 34 19.42 11.70 -8.12
CA GLU A 34 20.51 12.60 -8.14
C GLU A 34 21.45 12.40 -9.35
N LYS A 35 21.83 11.16 -9.59
CA LYS A 35 22.69 10.82 -10.68
C LYS A 35 22.02 11.18 -12.03
N ASP A 36 20.74 10.84 -12.18
CA ASP A 36 20.04 11.12 -13.44
C ASP A 36 19.87 12.61 -13.64
N TRP A 37 19.70 13.35 -12.54
CA TRP A 37 19.44 14.77 -12.54
C TRP A 37 20.73 15.53 -12.84
N GLN A 38 21.86 15.04 -12.34
CA GLN A 38 23.18 15.58 -12.71
C GLN A 38 23.50 15.43 -14.20
N GLN A 39 23.10 14.34 -14.81
CA GLN A 39 23.33 14.13 -16.22
C GLN A 39 22.51 15.08 -17.08
N TRP A 40 21.25 15.24 -16.72
CA TRP A 40 20.35 16.17 -17.35
C TRP A 40 20.96 17.57 -17.34
N LEU A 41 21.66 17.92 -16.26
CA LEU A 41 22.18 19.29 -16.04
C LEU A 41 23.58 19.51 -16.55
N LYS A 42 24.22 18.46 -17.06
CA LYS A 42 25.63 18.52 -17.43
C LYS A 42 25.95 19.57 -18.53
N PRO A 43 25.16 19.59 -19.64
CA PRO A 43 25.35 20.62 -20.68
C PRO A 43 25.16 22.09 -20.21
N TYR A 44 24.57 22.30 -19.03
CA TYR A 44 24.26 23.65 -18.58
C TYR A 44 25.14 24.12 -17.45
N ASP A 45 25.94 23.20 -16.91
CA ASP A 45 26.84 23.51 -15.81
C ASP A 45 26.08 24.16 -14.62
N LEU A 46 24.95 23.53 -14.26
CA LEU A 46 24.14 23.91 -13.15
C LEU A 46 24.23 22.80 -12.13
N ASN A 47 24.34 23.19 -10.88
CA ASN A 47 24.09 22.35 -9.73
C ASN A 47 22.60 21.90 -9.68
N ILE A 48 22.35 20.71 -9.14
CA ILE A 48 20.99 20.29 -8.77
C ILE A 48 20.21 21.33 -7.94
N ASN A 49 20.86 21.85 -6.91
CA ASN A 49 20.30 22.90 -6.07
C ASN A 49 19.95 24.20 -6.81
N GLU A 50 20.75 24.56 -7.81
CA GLU A 50 20.49 25.68 -8.71
C GLU A 50 19.28 25.46 -9.60
N HIS A 51 19.21 24.30 -10.25
CA HIS A 51 18.00 23.92 -10.98
C HIS A 51 16.75 23.93 -10.09
N HIS A 52 16.90 23.39 -8.89
CA HIS A 52 15.80 23.35 -7.93
C HIS A 52 15.35 24.78 -7.54
N ILE A 53 16.29 25.67 -7.29
CA ILE A 53 15.93 27.05 -7.04
C ILE A 53 15.17 27.65 -8.21
N LEU A 54 15.65 27.43 -9.43
CA LEU A 54 14.97 27.93 -10.64
C LEU A 54 13.53 27.44 -10.75
N TRP A 55 13.39 26.15 -10.40
CA TRP A 55 12.12 25.44 -10.46
C TRP A 55 11.11 26.07 -9.51
N ILE A 56 11.56 26.34 -8.29
CA ILE A 56 10.77 26.94 -7.25
C ILE A 56 10.36 28.38 -7.56
N ALA A 57 11.31 29.21 -7.98
CA ALA A 57 11.01 30.61 -8.38
C ALA A 57 9.97 30.62 -9.48
N TYR A 58 10.10 29.67 -10.39
CA TYR A 58 9.14 29.50 -11.46
C TYR A 58 7.75 29.02 -10.98
N GLN A 59 7.70 27.93 -10.22
CA GLN A 59 6.43 27.43 -9.69
C GLN A 59 5.67 28.51 -8.93
N LEU A 60 6.39 29.23 -8.09
CA LEU A 60 5.78 30.16 -7.18
C LEU A 60 5.64 31.58 -7.77
N ASN A 61 6.20 31.82 -8.95
N ASN A 61 6.20 31.81 -8.95
CA ASN A 61 6.22 33.15 -9.58
CA ASN A 61 6.20 33.15 -9.58
C ASN A 61 6.97 34.17 -8.71
C ASN A 61 6.98 34.17 -8.74
N GLY A 62 8.18 33.80 -8.29
CA GLY A 62 8.95 34.59 -7.36
C GLY A 62 8.89 33.90 -6.02
N ALA A 63 9.98 33.91 -5.27
CA ALA A 63 10.09 33.12 -4.08
C ALA A 63 11.04 33.82 -3.13
N SER A 64 10.77 33.77 -1.84
CA SER A 64 11.72 34.29 -0.87
C SER A 64 12.81 33.27 -0.65
N ILE A 65 13.92 33.68 -0.07
CA ILE A 65 15.01 32.77 0.21
C ILE A 65 14.53 31.66 1.16
N SER A 66 13.61 31.99 2.06
CA SER A 66 13.15 30.99 3.00
C SER A 66 12.14 30.00 2.39
N GLU A 67 11.34 30.43 1.41
CA GLU A 67 10.59 29.48 0.57
C GLU A 67 11.49 28.59 -0.24
N ILE A 68 12.55 29.16 -0.81
CA ILE A 68 13.51 28.30 -1.51
C ILE A 68 14.15 27.28 -0.57
N ALA A 69 14.59 27.72 0.61
CA ALA A 69 15.14 26.80 1.60
C ALA A 69 14.15 25.66 1.92
N LYS A 70 12.89 25.99 2.21
CA LYS A 70 11.86 25.04 2.59
C LYS A 70 11.49 24.06 1.49
N PHE A 71 11.12 24.56 0.31
CA PHE A 71 10.71 23.70 -0.78
C PHE A 71 11.87 23.06 -1.49
N GLY A 72 13.05 23.64 -1.39
CA GLY A 72 14.23 23.09 -1.99
C GLY A 72 14.93 22.19 -1.04
N VAL A 73 14.45 22.09 0.21
CA VAL A 73 15.03 21.17 1.19
C VAL A 73 16.52 21.49 1.41
N HIS A 75 19.37 24.27 3.67
N HIS A 75 19.35 24.25 3.70
CA HIS A 75 19.62 25.34 4.66
CA HIS A 75 19.54 25.31 4.71
C HIS A 75 19.42 26.70 3.97
C HIS A 75 19.43 26.68 4.00
N VAL A 76 18.89 27.66 4.71
CA VAL A 76 18.67 29.02 4.16
C VAL A 76 19.97 29.69 3.64
N SER A 77 21.11 29.32 4.22
CA SER A 77 22.43 29.75 3.77
C SER A 77 22.79 29.21 2.40
N THR A 78 22.55 27.92 2.21
CA THR A 78 22.79 27.29 0.92
C THR A 78 21.89 27.92 -0.12
N ALA A 79 20.63 28.14 0.23
CA ALA A 79 19.68 28.78 -0.70
C ALA A 79 20.18 30.19 -1.07
N PHE A 80 20.66 30.94 -0.09
CA PHE A 80 21.21 32.27 -0.41
C PHE A 80 22.43 32.14 -1.33
N ASN A 81 23.39 31.27 -0.95
CA ASN A 81 24.60 31.07 -1.72
C ASN A 81 24.34 30.74 -3.20
N PHE A 82 23.46 29.77 -3.45
CA PHE A 82 23.16 29.38 -4.82
C PHE A 82 22.29 30.38 -5.56
N SER A 83 21.41 31.08 -4.86
CA SER A 83 20.66 32.16 -5.51
C SER A 83 21.57 33.26 -6.02
N LYS A 84 22.53 33.63 -5.17
CA LYS A 84 23.62 34.57 -5.46
C LYS A 84 24.49 34.14 -6.66
N LYS A 85 24.90 32.88 -6.72
CA LYS A 85 25.54 32.30 -7.92
C LYS A 85 24.68 32.51 -9.16
N LEU A 86 23.40 32.15 -9.08
CA LEU A 86 22.47 32.30 -10.20
C LEU A 86 22.30 33.74 -10.65
N GLU A 87 22.30 34.67 -9.70
CA GLU A 87 22.21 36.06 -10.03
C GLU A 87 23.46 36.54 -10.84
N GLU A 88 24.63 36.10 -10.35
N GLU A 88 24.65 36.13 -10.40
CA GLU A 88 25.92 36.39 -10.95
CA GLU A 88 25.90 36.45 -11.11
C GLU A 88 26.11 35.64 -12.28
C GLU A 88 25.83 36.01 -12.57
N ARG A 89 25.18 34.71 -12.58
N ARG A 89 25.44 34.74 -12.77
CA ARG A 89 25.10 34.08 -13.91
CA ARG A 89 25.26 34.19 -14.11
C ARG A 89 24.17 34.84 -14.86
C ARG A 89 24.12 34.82 -14.92
N GLY A 90 23.33 35.70 -14.31
CA GLY A 90 22.25 36.36 -15.03
C GLY A 90 20.96 35.54 -15.13
N TYR A 91 20.75 34.55 -14.24
CA TYR A 91 19.52 33.70 -14.32
C TYR A 91 18.41 34.07 -13.38
N LEU A 92 18.77 34.74 -12.29
CA LEU A 92 17.87 35.18 -11.25
C LEU A 92 18.13 36.64 -10.94
N ARG A 93 17.11 37.35 -10.50
N ARG A 93 17.10 37.29 -10.40
CA ARG A 93 17.27 38.69 -9.94
CA ARG A 93 17.08 38.70 -10.01
C ARG A 93 16.63 38.76 -8.58
C ARG A 93 16.58 38.78 -8.57
N PHE A 94 17.28 39.53 -7.70
CA PHE A 94 16.77 39.83 -6.36
C PHE A 94 15.87 41.07 -6.48
N SER A 95 14.70 41.01 -5.86
CA SER A 95 13.72 42.10 -5.93
C SER A 95 12.98 42.23 -4.63
N LYS A 96 12.03 43.16 -4.60
CA LYS A 96 11.18 43.40 -3.42
C LYS A 96 9.73 43.75 -3.82
N ARG A 97 8.78 43.23 -3.04
CA ARG A 97 7.33 43.41 -3.27
C ARG A 97 6.85 44.76 -2.74
N THR A 104 12.94 40.35 0.91
CA THR A 104 13.34 40.30 -0.50
C THR A 104 13.10 38.93 -1.19
N TYR A 105 12.67 38.98 -2.46
CA TYR A 105 12.43 37.75 -3.25
C TYR A 105 13.28 37.61 -4.53
N VAL A 106 13.21 36.42 -5.09
CA VAL A 106 14.08 35.99 -6.17
C VAL A 106 13.16 35.60 -7.31
N GLN A 107 13.55 36.03 -8.51
CA GLN A 107 12.74 35.96 -9.73
CA GLN A 107 12.75 35.73 -9.68
C GLN A 107 13.65 35.47 -10.87
N LEU A 108 13.15 34.60 -11.75
CA LEU A 108 13.84 34.28 -13.00
C LEU A 108 14.00 35.54 -13.90
N THR A 109 15.18 35.69 -14.48
CA THR A 109 15.40 36.68 -15.55
C THR A 109 14.89 36.06 -16.85
N GLU A 110 14.95 36.82 -17.93
CA GLU A 110 14.66 36.31 -19.27
C GLU A 110 15.58 35.13 -19.63
N GLU A 111 16.88 35.27 -19.36
CA GLU A 111 17.84 34.22 -19.68
C GLU A 111 17.57 32.98 -18.80
N GLY A 112 17.36 33.19 -17.49
CA GLY A 112 17.02 32.11 -16.56
C GLY A 112 15.80 31.33 -16.99
N THR A 113 14.77 32.03 -17.48
CA THR A 113 13.56 31.40 -18.00
C THR A 113 13.84 30.53 -19.24
N GLU A 114 14.68 31.07 -20.14
CA GLU A 114 15.11 30.35 -21.34
C GLU A 114 15.89 29.08 -21.00
N VAL A 115 16.81 29.17 -20.03
CA VAL A 115 17.58 28.01 -19.61
C VAL A 115 16.61 26.99 -19.02
N PHE A 116 15.65 27.47 -18.24
CA PHE A 116 14.65 26.62 -17.62
C PHE A 116 13.83 25.87 -18.66
N TRP A 117 13.41 26.60 -19.70
N TRP A 117 13.43 26.54 -19.73
CA TRP A 117 12.62 26.04 -20.78
CA TRP A 117 12.61 25.86 -20.75
C TRP A 117 13.44 25.00 -21.56
C TRP A 117 13.42 24.99 -21.69
N SER A 118 14.68 25.35 -21.93
CA SER A 118 15.59 24.44 -22.66
C SER A 118 15.73 23.09 -21.97
N LEU A 119 15.96 23.15 -20.65
CA LEU A 119 16.10 21.95 -19.86
C LEU A 119 14.86 21.07 -19.95
N LEU A 120 13.69 21.72 -19.90
CA LEU A 120 12.42 21.01 -19.98
C LEU A 120 12.23 20.35 -21.34
N GLU A 121 12.73 21.00 -22.39
CA GLU A 121 12.63 20.47 -23.74
C GLU A 121 13.55 19.29 -24.00
N GLU A 122 14.57 19.14 -23.17
CA GLU A 122 15.49 18.03 -23.24
C GLU A 122 15.11 16.89 -22.30
N PHE A 123 14.18 17.13 -21.38
CA PHE A 123 13.70 16.08 -20.50
C PHE A 123 13.26 14.85 -21.31
N ASP A 124 13.86 13.71 -20.99
CA ASP A 124 13.67 12.45 -21.68
C ASP A 124 13.49 11.38 -20.61
N PRO A 125 12.25 10.98 -20.35
CA PRO A 125 11.97 9.98 -19.32
C PRO A 125 12.61 8.58 -19.54
N THR A 126 12.91 8.19 -20.78
CA THR A 126 13.56 6.89 -21.02
C THR A 126 15.00 6.85 -20.48
N ARG A 127 15.53 8.01 -20.10
CA ARG A 127 16.82 8.07 -19.47
C ARG A 127 16.75 8.24 -17.97
N ASN A 128 15.58 8.05 -17.40
CA ASN A 128 15.42 8.24 -16.00
C ASN A 128 15.17 6.87 -15.38
N ALA A 129 16.01 6.48 -14.43
CA ALA A 129 15.97 5.13 -13.84
C ALA A 129 14.68 4.86 -13.02
N VAL A 130 14.23 5.87 -12.31
CA VAL A 130 13.02 5.77 -11.55
C VAL A 130 11.80 5.65 -12.45
N PHE A 131 11.73 6.48 -13.49
CA PHE A 131 10.71 6.30 -14.52
C PHE A 131 10.76 4.86 -15.03
N LYS A 132 11.93 4.33 -15.38
CA LYS A 132 11.97 2.96 -15.98
C LYS A 132 11.70 1.92 -14.92
N GLY A 133 12.25 2.11 -13.72
CA GLY A 133 12.02 1.20 -12.60
C GLY A 133 10.55 1.10 -12.20
N SER A 134 9.76 2.05 -12.65
CA SER A 134 8.40 2.11 -12.25
C SER A 134 7.43 1.69 -13.36
N GLN A 135 7.92 1.13 -14.47
CA GLN A 135 7.08 0.66 -15.57
C GLN A 135 6.23 -0.58 -15.28
N PRO A 136 6.82 -1.60 -14.63
CA PRO A 136 6.00 -2.76 -14.24
C PRO A 136 4.75 -2.35 -13.43
N LEU A 137 4.92 -1.48 -12.43
CA LEU A 137 3.82 -0.90 -11.65
C LEU A 137 2.82 -0.19 -12.55
N TYR A 138 3.33 0.65 -13.44
CA TYR A 138 2.49 1.34 -14.41
C TYR A 138 1.68 0.39 -15.27
N HIS A 139 2.35 -0.63 -15.82
CA HIS A 139 1.72 -1.64 -16.67
CA HIS A 139 1.69 -1.60 -16.68
C HIS A 139 0.66 -2.42 -15.89
N LEU A 140 0.95 -2.70 -14.63
CA LEU A 140 -0.01 -3.39 -13.75
C LEU A 140 -1.26 -2.53 -13.42
N PHE A 141 -1.07 -1.26 -13.06
CA PHE A 141 -2.14 -0.40 -12.51
C PHE A 141 -2.70 0.63 -13.51
N GLY A 142 -1.99 0.88 -14.60
CA GLY A 142 -2.48 1.76 -15.64
C GLY A 142 -2.24 3.20 -15.26
N LYS A 143 -1.42 3.41 -14.23
CA LYS A 143 -1.04 4.75 -13.80
C LYS A 143 0.24 4.65 -12.97
N PHE A 144 0.91 5.77 -12.79
CA PHE A 144 2.14 5.78 -11.99
C PHE A 144 1.79 5.53 -10.54
N PRO A 145 2.70 4.89 -9.80
CA PRO A 145 2.36 4.59 -8.41
C PRO A 145 2.15 5.89 -7.61
N GLU A 146 1.19 5.85 -6.70
N GLU A 146 1.20 5.86 -6.69
CA GLU A 146 0.86 6.99 -5.84
CA GLU A 146 0.89 7.04 -5.88
C GLU A 146 1.92 7.23 -4.76
C GLU A 146 1.89 7.23 -4.73
N VAL A 147 2.57 6.14 -4.33
CA VAL A 147 3.51 6.09 -3.19
C VAL A 147 2.98 6.85 -1.96
N ALA A 148 1.73 6.57 -1.65
CA ALA A 148 0.93 7.29 -0.68
C ALA A 148 1.44 7.18 0.76
N GLU A 149 2.03 6.04 1.11
CA GLU A 149 2.72 5.86 2.40
C GLU A 149 3.92 6.79 2.53
N CYS A 152 2.65 10.42 2.89
CA CYS A 152 2.09 10.60 4.20
C CYS A 152 3.17 10.83 5.26
N ILE A 154 6.25 12.05 4.60
CA ILE A 154 6.78 13.34 4.23
C ILE A 154 5.86 14.46 4.74
N ARG A 155 4.54 14.30 4.64
CA ARG A 155 3.60 15.29 5.15
C ARG A 155 3.75 15.46 6.66
N HIS A 156 3.94 14.36 7.38
CA HIS A 156 4.06 14.46 8.82
CA HIS A 156 4.07 14.41 8.83
C HIS A 156 5.40 15.05 9.26
N ILE A 157 6.47 14.77 8.52
CA ILE A 157 7.76 15.34 8.83
C ILE A 157 7.83 16.84 8.45
N TYR A 158 7.37 17.17 7.26
CA TYR A 158 7.57 18.48 6.70
C TYR A 158 6.37 19.43 6.79
N GLY A 159 5.19 18.95 7.11
CA GLY A 159 4.01 19.80 7.19
C GLY A 159 3.23 19.95 5.90
N ASP A 160 2.01 20.47 6.07
CA ASP A 160 1.03 20.68 4.99
C ASP A 160 1.44 21.75 4.00
N ASP A 161 1.97 22.85 4.52
CA ASP A 161 2.52 23.91 3.70
C ASP A 161 3.54 23.40 2.70
N PHE A 162 4.54 22.64 3.15
CA PHE A 162 5.50 21.98 2.22
C PHE A 162 4.81 21.19 1.08
N GLU A 164 1.89 21.57 -0.40
CA GLU A 164 1.24 22.41 -1.43
C GLU A 164 2.03 22.54 -2.73
N ILE A 165 3.37 22.43 -2.64
CA ILE A 165 4.23 22.43 -3.80
C ILE A 165 3.84 21.33 -4.80
N PHE A 166 3.38 20.18 -4.30
CA PHE A 166 2.89 19.10 -5.15
C PHE A 166 1.61 19.47 -5.91
N GLU A 167 0.69 20.16 -5.25
CA GLU A 167 -0.51 20.63 -5.94
C GLU A 167 -0.20 21.74 -6.97
N THR A 168 0.97 21.62 -7.59
CA THR A 168 1.26 22.35 -8.83
C THR A 168 1.72 21.34 -9.90
N SER A 169 0.76 20.44 -10.19
CA SER A 169 0.68 19.63 -11.38
C SER A 169 0.09 20.51 -12.47
N TYR B 10 3.74 6.37 -23.26
CA TYR B 10 3.60 7.30 -22.09
C TYR B 10 3.28 8.72 -22.56
N ASP B 11 2.52 9.44 -21.74
CA ASP B 11 2.36 10.87 -21.87
C ASP B 11 3.53 11.61 -21.18
N VAL B 12 4.29 12.37 -21.96
CA VAL B 12 5.53 13.01 -21.49
C VAL B 12 5.26 14.02 -20.36
N LYS B 13 4.11 14.67 -20.39
CA LYS B 13 3.67 15.51 -19.28
C LYS B 13 3.33 14.70 -18.00
N GLU B 14 2.68 13.54 -18.14
CA GLU B 14 2.45 12.62 -17.03
C GLU B 14 3.82 12.11 -16.51
N ALA B 15 4.73 11.83 -17.43
CA ALA B 15 6.05 11.31 -17.03
C ALA B 15 6.85 12.36 -16.21
N LEU B 16 6.84 13.61 -16.67
CA LEU B 16 7.43 14.72 -15.95
C LEU B 16 6.82 14.96 -14.54
N VAL B 17 5.49 15.04 -14.46
CA VAL B 17 4.84 15.20 -13.15
C VAL B 17 5.31 14.12 -12.18
N PHE B 18 5.32 12.88 -12.68
CA PHE B 18 5.74 11.75 -11.88
C PHE B 18 7.22 11.88 -11.40
N THR B 19 8.14 12.05 -12.34
CA THR B 19 9.55 12.08 -12.00
C THR B 19 9.90 13.30 -11.08
N GLN B 20 9.20 14.40 -11.27
CA GLN B 20 9.43 15.52 -10.38
C GLN B 20 8.81 15.32 -9.00
N LYS B 21 7.68 14.64 -8.94
CA LYS B 21 7.13 14.23 -7.67
C LYS B 21 8.12 13.29 -6.93
N ALA B 23 11.40 12.94 -7.36
CA ALA B 23 12.61 13.69 -6.98
C ALA B 23 12.39 14.52 -5.72
N GLN B 24 11.26 15.20 -5.64
CA GLN B 24 10.96 16.03 -4.49
C GLN B 24 10.76 15.19 -3.23
N LEU B 25 9.97 14.10 -3.33
CA LEU B 25 9.69 13.23 -2.17
C LEU B 25 10.98 12.56 -1.72
N SER B 26 11.72 12.11 -2.69
CA SER B 26 12.94 11.43 -2.42
C SER B 26 14.03 12.32 -1.80
N LYS B 27 14.16 13.57 -2.24
CA LYS B 27 15.11 14.50 -1.62
C LYS B 27 14.66 14.82 -0.19
N ALA B 28 13.37 15.04 0.01
CA ALA B 28 12.82 15.33 1.30
C ALA B 28 13.06 14.21 2.32
N LEU B 29 12.76 12.97 1.92
CA LEU B 29 12.97 11.80 2.78
C LEU B 29 14.46 11.57 3.12
N TRP B 30 15.31 11.49 2.13
CA TRP B 30 16.71 11.27 2.42
C TRP B 30 17.35 12.40 3.24
N LYS B 31 17.07 13.67 2.94
CA LYS B 31 17.65 14.77 3.74
C LYS B 31 17.24 14.71 5.18
N SER B 32 15.99 14.34 5.42
CA SER B 32 15.51 14.18 6.76
C SER B 32 16.26 13.03 7.52
N ILE B 33 16.45 11.89 6.87
CA ILE B 33 17.12 10.72 7.46
C ILE B 33 18.57 11.03 7.73
N GLU B 34 19.25 11.59 6.72
CA GLU B 34 20.60 12.05 6.80
C GLU B 34 20.87 12.99 7.96
N LYS B 35 19.95 13.93 8.18
CA LYS B 35 20.08 14.82 9.30
C LYS B 35 19.97 14.11 10.66
N ASP B 36 18.96 13.26 10.85
CA ASP B 36 18.86 12.45 12.07
C ASP B 36 20.08 11.52 12.25
N TRP B 37 20.57 10.96 11.17
CA TRP B 37 21.69 10.04 11.21
C TRP B 37 22.97 10.79 11.62
N GLN B 38 23.18 11.98 11.07
CA GLN B 38 24.34 12.73 11.50
C GLN B 38 24.27 13.26 12.96
N GLN B 39 23.08 13.60 13.44
CA GLN B 39 22.90 13.90 14.86
C GLN B 39 23.29 12.71 15.76
N TRP B 40 22.71 11.55 15.49
CA TRP B 40 23.08 10.32 16.14
C TRP B 40 24.63 10.16 16.25
N LEU B 41 25.37 10.43 15.16
CA LEU B 41 26.80 10.14 15.08
C LEU B 41 27.71 11.25 15.62
N LYS B 42 27.16 12.41 15.91
CA LYS B 42 27.99 13.56 16.20
C LYS B 42 28.94 13.36 17.41
N PRO B 43 28.45 12.78 18.53
CA PRO B 43 29.40 12.49 19.63
C PRO B 43 30.49 11.49 19.29
N TYR B 44 30.33 10.73 18.21
CA TYR B 44 31.27 9.67 17.89
C TYR B 44 32.26 10.08 16.85
N ASP B 45 32.07 11.26 16.27
CA ASP B 45 32.91 11.69 15.17
C ASP B 45 33.08 10.60 14.05
N LEU B 46 31.98 9.98 13.65
CA LEU B 46 31.96 9.09 12.53
C LEU B 46 31.08 9.80 11.55
N ASN B 47 31.37 9.71 10.26
CA ASN B 47 30.36 10.15 9.36
C ASN B 47 29.48 8.96 8.98
N ILE B 48 28.44 9.25 8.19
CA ILE B 48 27.36 8.33 7.85
C ILE B 48 27.89 7.12 7.08
N ASN B 49 28.80 7.37 6.16
CA ASN B 49 29.40 6.30 5.35
C ASN B 49 30.22 5.34 6.18
N GLU B 50 30.96 5.88 7.15
CA GLU B 50 31.69 5.07 8.13
C GLU B 50 30.77 4.18 8.95
N HIS B 51 29.76 4.77 9.57
CA HIS B 51 28.78 3.97 10.29
C HIS B 51 28.10 2.88 9.43
N HIS B 52 27.73 3.24 8.20
CA HIS B 52 27.16 2.33 7.24
C HIS B 52 28.09 1.17 6.94
N ILE B 53 29.38 1.47 6.77
CA ILE B 53 30.41 0.41 6.60
C ILE B 53 30.47 -0.51 7.81
N LEU B 54 30.52 0.07 9.02
CA LEU B 54 30.50 -0.72 10.27
C LEU B 54 29.25 -1.58 10.37
N TRP B 55 28.10 -0.99 9.99
CA TRP B 55 26.84 -1.71 10.00
C TRP B 55 26.90 -2.91 9.06
N ILE B 56 27.39 -2.70 7.84
CA ILE B 56 27.38 -3.79 6.88
C ILE B 56 28.29 -4.92 7.33
N ALA B 57 29.47 -4.58 7.89
CA ALA B 57 30.40 -5.60 8.34
C ALA B 57 29.86 -6.33 9.58
N TYR B 58 29.20 -5.57 10.46
CA TYR B 58 28.45 -6.19 11.55
C TYR B 58 27.38 -7.16 11.06
N GLN B 59 26.49 -6.71 10.16
CA GLN B 59 25.39 -7.55 9.71
C GLN B 59 25.81 -8.81 8.97
N LEU B 60 26.87 -8.72 8.16
CA LEU B 60 27.30 -9.86 7.32
C LEU B 60 28.43 -10.66 7.94
N ASN B 61 28.85 -10.28 9.14
CA ASN B 61 30.01 -10.89 9.80
CA ASN B 61 30.03 -10.85 9.82
C ASN B 61 31.29 -10.73 8.99
N GLY B 62 31.61 -9.49 8.62
CA GLY B 62 32.68 -9.23 7.67
C GLY B 62 32.11 -9.07 6.26
N ALA B 63 32.67 -8.16 5.50
CA ALA B 63 32.12 -7.86 4.19
C ALA B 63 33.25 -7.49 3.27
N SER B 64 33.05 -7.68 1.98
CA SER B 64 34.03 -7.26 0.99
C SER B 64 33.80 -5.79 0.67
N ILE B 65 34.80 -5.14 0.08
CA ILE B 65 34.67 -3.73 -0.37
C ILE B 65 33.50 -3.58 -1.37
N SER B 66 33.34 -4.62 -2.19
CA SER B 66 32.30 -4.75 -3.19
C SER B 66 30.90 -4.80 -2.59
N GLU B 67 30.69 -5.62 -1.55
CA GLU B 67 29.42 -5.62 -0.80
C GLU B 67 29.13 -4.30 -0.10
N ILE B 68 30.14 -3.72 0.53
CA ILE B 68 29.99 -2.40 1.12
C ILE B 68 29.58 -1.34 0.09
N ALA B 69 30.21 -1.33 -1.08
CA ALA B 69 29.86 -0.37 -2.10
C ALA B 69 28.43 -0.59 -2.58
N LYS B 70 28.08 -1.85 -2.86
CA LYS B 70 26.74 -2.21 -3.29
C LYS B 70 25.67 -1.84 -2.28
N PHE B 71 25.74 -2.41 -1.07
CA PHE B 71 24.74 -2.16 -0.03
C PHE B 71 24.81 -0.75 0.57
N GLY B 72 25.99 -0.12 0.55
CA GLY B 72 26.14 1.24 1.07
C GLY B 72 25.81 2.31 0.06
N VAL B 73 25.50 1.90 -1.18
CA VAL B 73 25.18 2.84 -2.25
C VAL B 73 26.29 3.88 -2.35
N HIS B 75 30.45 4.40 -4.25
CA HIS B 75 31.41 3.87 -5.19
C HIS B 75 32.44 3.01 -4.44
N VAL B 76 32.97 2.02 -5.11
CA VAL B 76 34.05 1.17 -4.60
C VAL B 76 35.21 1.96 -3.99
N SER B 77 35.60 3.05 -4.63
CA SER B 77 36.69 3.86 -4.11
C SER B 77 36.36 4.57 -2.81
N THR B 78 35.11 5.00 -2.66
CA THR B 78 34.61 5.61 -1.43
C THR B 78 34.58 4.58 -0.31
N ALA B 79 34.14 3.35 -0.65
CA ALA B 79 34.07 2.26 0.33
C ALA B 79 35.50 1.94 0.82
N PHE B 80 36.45 1.87 -0.11
CA PHE B 80 37.84 1.60 0.22
C PHE B 80 38.47 2.72 1.09
N ASN B 81 38.32 3.95 0.62
CA ASN B 81 38.82 5.14 1.29
C ASN B 81 38.36 5.24 2.74
N PHE B 82 37.04 5.10 2.96
CA PHE B 82 36.47 5.16 4.31
C PHE B 82 36.81 3.94 5.17
N SER B 83 36.88 2.77 4.58
CA SER B 83 37.38 1.61 5.30
C SER B 83 38.82 1.82 5.76
N LYS B 84 39.68 2.35 4.89
CA LYS B 84 41.05 2.74 5.27
C LYS B 84 41.09 3.69 6.47
N LYS B 85 40.30 4.76 6.45
CA LYS B 85 40.19 5.67 7.58
C LYS B 85 39.73 4.95 8.86
N LEU B 86 38.76 4.05 8.75
CA LEU B 86 38.32 3.25 9.89
C LEU B 86 39.43 2.33 10.40
N GLU B 87 40.26 1.83 9.50
CA GLU B 87 41.38 1.02 9.90
C GLU B 87 42.40 1.83 10.71
N GLU B 88 42.70 3.05 10.23
CA GLU B 88 43.61 3.97 10.91
C GLU B 88 43.07 4.36 12.29
N ARG B 89 41.76 4.44 12.40
CA ARG B 89 41.07 4.78 13.63
C ARG B 89 41.07 3.61 14.61
N GLY B 90 41.33 2.41 14.13
CA GLY B 90 41.35 1.23 14.98
C GLY B 90 40.03 0.44 15.02
N TYR B 91 39.07 0.85 14.18
CA TYR B 91 37.70 0.28 14.20
C TYR B 91 37.44 -0.89 13.24
N LEU B 92 38.36 -1.11 12.29
CA LEU B 92 38.23 -2.16 11.27
C LEU B 92 39.57 -2.81 11.00
N ARG B 93 39.55 -4.03 10.51
CA ARG B 93 40.75 -4.61 9.95
C ARG B 93 40.49 -5.26 8.60
N PHE B 94 41.51 -5.26 7.75
CA PHE B 94 41.45 -5.92 6.45
C PHE B 94 41.91 -7.35 6.62
N SER B 95 41.20 -8.27 5.98
CA SER B 95 41.67 -9.63 5.78
C SER B 95 41.56 -10.01 4.31
N LYS B 96 42.07 -11.20 3.99
CA LYS B 96 42.00 -11.72 2.64
C LYS B 96 41.65 -13.21 2.72
N ARG B 97 40.43 -13.55 2.28
CA ARG B 97 39.91 -14.93 2.32
C ARG B 97 40.47 -15.82 1.18
N LEU B 98 41.21 -16.88 1.52
CA LEU B 98 41.83 -17.80 0.55
C LEU B 98 40.85 -18.25 -0.55
N ASN B 99 39.67 -18.67 -0.10
CA ASN B 99 38.53 -19.04 -0.94
C ASN B 99 38.13 -17.97 -1.99
N ASP B 100 38.54 -16.74 -1.75
CA ASP B 100 38.13 -15.60 -2.56
C ASP B 100 39.30 -14.63 -2.76
N LYS B 101 40.16 -14.94 -3.73
CA LYS B 101 41.35 -14.16 -4.05
C LYS B 101 41.02 -12.74 -4.61
N ARG B 102 39.88 -12.65 -5.30
CA ARG B 102 39.41 -11.40 -5.90
C ARG B 102 39.17 -10.24 -4.92
N ASN B 103 38.59 -10.52 -3.75
CA ASN B 103 38.10 -9.49 -2.84
C ASN B 103 38.99 -9.17 -1.64
N THR B 104 38.86 -7.92 -1.20
CA THR B 104 39.39 -7.41 0.06
C THR B 104 38.21 -7.47 1.05
N TYR B 105 38.41 -8.12 2.20
CA TYR B 105 37.39 -8.12 3.24
C TYR B 105 37.77 -7.22 4.38
N VAL B 106 36.74 -6.85 5.12
CA VAL B 106 36.85 -5.94 6.21
C VAL B 106 36.03 -6.54 7.34
N GLN B 107 36.54 -6.41 8.57
CA GLN B 107 35.93 -6.98 9.74
C GLN B 107 36.05 -5.99 10.89
N LEU B 108 35.05 -5.98 11.78
CA LEU B 108 35.13 -5.16 12.99
C LEU B 108 36.25 -5.63 13.93
N THR B 109 36.98 -4.67 14.47
CA THR B 109 37.88 -4.99 15.58
C THR B 109 37.09 -4.98 16.87
N GLU B 110 37.78 -5.28 17.97
CA GLU B 110 37.07 -5.17 19.26
C GLU B 110 36.63 -3.76 19.58
N GLU B 111 37.45 -2.76 19.27
CA GLU B 111 37.12 -1.35 19.50
CA GLU B 111 37.06 -1.38 19.52
C GLU B 111 35.93 -0.95 18.61
N GLY B 112 35.97 -1.35 17.34
CA GLY B 112 34.88 -1.07 16.38
C GLY B 112 33.55 -1.67 16.78
N THR B 113 33.57 -2.92 17.24
CA THR B 113 32.39 -3.62 17.76
C THR B 113 31.79 -2.89 18.95
N GLU B 114 32.64 -2.50 19.89
CA GLU B 114 32.22 -1.70 21.04
C GLU B 114 31.52 -0.37 20.67
N VAL B 115 32.13 0.41 19.80
CA VAL B 115 31.53 1.65 19.26
C VAL B 115 30.19 1.39 18.57
N PHE B 116 30.12 0.30 17.81
CA PHE B 116 28.91 -0.13 17.19
C PHE B 116 27.81 -0.44 18.20
N TRP B 117 28.12 -1.25 19.23
CA TRP B 117 27.13 -1.58 20.26
C TRP B 117 26.69 -0.32 20.97
N SER B 118 27.64 0.54 21.22
CA SER B 118 27.39 1.78 21.92
C SER B 118 26.43 2.72 21.17
N LEU B 119 26.64 2.86 19.86
CA LEU B 119 25.67 3.54 18.96
C LEU B 119 24.26 2.96 19.02
N LEU B 120 24.15 1.62 18.95
CA LEU B 120 22.84 0.96 19.07
C LEU B 120 22.17 1.22 20.39
N GLU B 121 22.97 1.35 21.43
CA GLU B 121 22.38 1.64 22.75
C GLU B 121 21.91 3.08 22.87
N GLU B 122 22.40 3.98 22.01
CA GLU B 122 21.91 5.36 21.98
C GLU B 122 20.71 5.52 21.06
N PHE B 123 20.45 4.55 20.19
CA PHE B 123 19.29 4.60 19.28
C PHE B 123 17.96 4.84 20.02
N ASP B 124 17.33 5.94 19.67
CA ASP B 124 16.10 6.34 20.33
C ASP B 124 15.10 6.65 19.21
N PRO B 125 14.15 5.75 18.96
CA PRO B 125 13.23 6.05 17.86
C PRO B 125 12.39 7.34 18.04
N THR B 126 12.05 7.73 19.26
CA THR B 126 11.26 8.95 19.42
C THR B 126 12.03 10.22 18.95
N ARG B 127 13.32 10.08 18.62
CA ARG B 127 14.10 11.18 18.08
C ARG B 127 14.35 11.07 16.58
N ASN B 128 13.61 10.22 15.92
CA ASN B 128 13.88 9.95 14.53
C ASN B 128 12.66 10.40 13.76
N ALA B 129 12.84 11.31 12.79
CA ALA B 129 11.67 12.00 12.22
C ALA B 129 10.88 11.03 11.33
N VAL B 130 11.59 10.10 10.71
CA VAL B 130 10.95 9.07 9.92
C VAL B 130 10.07 8.09 10.75
N PHE B 131 10.59 7.62 11.88
CA PHE B 131 9.80 6.92 12.84
C PHE B 131 8.60 7.75 13.26
N LYS B 132 8.79 8.98 13.74
CA LYS B 132 7.66 9.81 14.17
C LYS B 132 6.68 10.04 13.03
N GLY B 133 7.22 10.30 11.85
CA GLY B 133 6.40 10.51 10.66
C GLY B 133 5.56 9.33 10.25
N SER B 134 5.93 8.12 10.68
CA SER B 134 5.19 6.93 10.29
C SER B 134 4.31 6.35 11.38
N GLN B 135 4.24 7.02 12.53
CA GLN B 135 3.35 6.62 13.62
C GLN B 135 1.83 6.67 13.30
N PRO B 136 1.38 7.72 12.61
CA PRO B 136 -0.05 7.62 12.24
C PRO B 136 -0.39 6.34 11.39
N LEU B 137 0.52 5.90 10.52
CA LEU B 137 0.31 4.71 9.69
C LEU B 137 0.39 3.42 10.52
N TYR B 138 1.35 3.37 11.43
CA TYR B 138 1.51 2.27 12.35
C TYR B 138 0.27 2.12 13.18
N HIS B 139 -0.29 3.24 13.64
CA HIS B 139 -1.49 3.12 14.47
C HIS B 139 -2.71 2.69 13.69
N LEU B 140 -2.79 3.15 12.46
CA LEU B 140 -3.89 2.75 11.60
C LEU B 140 -3.76 1.27 11.19
N PHE B 141 -2.55 0.81 10.85
CA PHE B 141 -2.41 -0.51 10.25
C PHE B 141 -1.96 -1.65 11.17
N GLY B 142 -1.34 -1.32 12.30
CA GLY B 142 -0.87 -2.33 13.24
C GLY B 142 0.56 -2.72 12.96
N LYS B 143 1.20 -2.11 11.97
CA LYS B 143 2.56 -2.43 11.62
C LYS B 143 3.16 -1.23 10.93
N PHE B 144 4.47 -1.21 10.85
CA PHE B 144 5.17 -0.24 10.05
C PHE B 144 4.78 -0.34 8.57
N PRO B 145 4.78 0.82 7.86
CA PRO B 145 4.38 0.70 6.46
C PRO B 145 5.39 -0.14 5.63
N GLU B 146 4.84 -0.96 4.74
CA GLU B 146 5.71 -1.80 3.93
CA GLU B 146 5.58 -1.83 3.80
C GLU B 146 6.39 -1.02 2.81
N VAL B 147 5.88 0.17 2.45
CA VAL B 147 6.36 0.95 1.29
C VAL B 147 6.68 0.06 0.06
N ALA B 148 5.74 -0.83 -0.25
CA ALA B 148 5.92 -1.83 -1.29
C ALA B 148 6.15 -1.28 -2.71
N GLU B 149 5.52 -0.16 -3.08
CA GLU B 149 5.80 0.47 -4.37
C GLU B 149 7.23 1.00 -4.48
N CYS B 152 9.51 -1.92 -4.84
CA CYS B 152 9.41 -2.46 -6.19
C CYS B 152 10.32 -1.70 -7.15
N ILE B 154 12.99 0.27 -6.34
CA ILE B 154 14.38 0.02 -5.96
C ILE B 154 14.89 -1.36 -6.40
N ARG B 155 14.03 -2.39 -6.35
N ARG B 155 14.01 -2.36 -6.36
CA ARG B 155 14.41 -3.72 -6.80
CA ARG B 155 14.29 -3.73 -6.76
C ARG B 155 14.62 -3.71 -8.32
C ARG B 155 14.56 -3.74 -8.29
N HIS B 156 13.81 -2.94 -9.03
CA HIS B 156 14.01 -2.82 -10.48
C HIS B 156 15.21 -1.99 -10.90
N ILE B 157 15.58 -0.97 -10.15
CA ILE B 157 16.74 -0.16 -10.44
C ILE B 157 18.04 -0.87 -9.97
N TYR B 158 18.03 -1.38 -8.75
CA TYR B 158 19.22 -1.92 -8.13
C TYR B 158 19.37 -3.43 -8.21
N GLY B 159 18.32 -4.16 -8.59
CA GLY B 159 18.45 -5.62 -8.73
C GLY B 159 18.18 -6.39 -7.45
N ASP B 160 17.89 -7.68 -7.63
CA ASP B 160 17.58 -8.63 -6.55
C ASP B 160 18.68 -8.80 -5.51
N ASP B 161 19.93 -8.88 -5.98
CA ASP B 161 21.09 -8.96 -5.09
C ASP B 161 20.99 -7.91 -3.99
N PHE B 162 20.89 -6.64 -4.41
CA PHE B 162 20.79 -5.49 -3.50
C PHE B 162 19.72 -5.67 -2.42
N GLU B 164 18.65 -8.40 -0.90
CA GLU B 164 18.95 -9.41 0.13
C GLU B 164 19.48 -8.88 1.45
N ILE B 165 19.96 -7.64 1.47
CA ILE B 165 20.45 -7.04 2.70
C ILE B 165 19.30 -6.98 3.74
N PHE B 166 18.08 -6.75 3.27
CA PHE B 166 16.89 -6.72 4.14
C PHE B 166 16.69 -8.04 4.93
N GLU B 167 16.84 -9.19 4.27
CA GLU B 167 16.67 -10.51 4.95
C GLU B 167 17.44 -10.72 6.26
N THR B 168 18.66 -10.19 6.35
CA THR B 168 19.49 -10.42 7.54
C THR B 168 19.55 -9.18 8.44
N SER B 169 18.68 -8.19 8.15
CA SER B 169 18.63 -6.89 8.86
C SER B 169 18.63 -6.99 10.38
N LEU B 170 18.12 -8.10 10.91
CA LEU B 170 17.86 -8.25 12.32
C LEU B 170 18.53 -9.48 12.95
N THR B 171 19.13 -10.36 12.14
CA THR B 171 19.66 -11.64 12.68
C THR B 171 20.58 -11.41 13.90
N ASN B 172 21.71 -10.73 13.68
CA ASN B 172 22.67 -10.44 14.73
C ASN B 172 22.11 -9.59 15.89
N ILE B 173 21.30 -8.58 15.57
CA ILE B 173 20.74 -7.66 16.56
C ILE B 173 19.81 -8.34 17.51
N ASP B 174 19.04 -9.27 17.00
CA ASP B 174 18.13 -9.99 17.86
C ASP B 174 18.85 -10.86 18.88
N ASN B 175 20.01 -11.40 18.52
CA ASN B 175 20.76 -12.20 19.47
C ASN B 175 21.64 -11.41 20.43
N ASP B 176 21.93 -10.15 20.10
CA ASP B 176 22.90 -9.37 20.86
C ASP B 176 22.30 -8.41 21.88
N PHE B 177 21.04 -8.03 21.63
CA PHE B 177 20.38 -6.96 22.38
C PHE B 177 19.05 -7.41 22.93
N GLU B 178 18.68 -6.85 24.08
CA GLU B 178 17.31 -6.87 24.55
C GLU B 178 16.71 -5.46 24.49
N SER B 179 15.37 -5.42 24.46
CA SER B 179 14.59 -4.19 24.66
C SER B 179 14.35 -4.01 26.14
N VAL B 180 14.86 -2.91 26.70
CA VAL B 180 14.42 -2.48 28.04
C VAL B 180 14.14 -0.98 28.01
N ASN B 181 12.85 -0.66 28.21
CA ASN B 181 12.37 0.72 28.32
C ASN B 181 12.53 1.47 27.04
N GLY B 182 12.07 0.85 25.96
CA GLY B 182 12.20 1.40 24.62
C GLY B 182 13.60 1.66 24.13
N LYS B 183 14.59 1.10 24.79
CA LYS B 183 15.97 1.18 24.27
C LYS B 183 16.64 -0.17 24.18
N LEU B 184 17.58 -0.29 23.25
CA LEU B 184 18.38 -1.48 23.13
C LEU B 184 19.49 -1.55 24.17
N LYS B 185 19.68 -2.73 24.73
CA LYS B 185 20.72 -2.98 25.71
C LYS B 185 21.46 -4.25 25.34
N LYS B 186 22.78 -4.16 25.23
CA LYS B 186 23.59 -5.34 24.98
C LYS B 186 23.28 -6.43 26.03
N LYS B 187 22.95 -7.62 25.55
CA LYS B 187 22.78 -8.76 26.44
C LYS B 187 23.91 -9.75 26.28
N ALA B 188 24.08 -10.61 27.27
CA ALA B 188 25.04 -11.70 27.24
C ALA B 188 24.54 -12.73 26.22
N LYS B 189 25.29 -12.91 25.16
CA LYS B 189 24.82 -13.62 23.97
C LYS B 189 24.95 -15.13 24.17
N TYR C 10 -18.29 16.48 5.85
CA TYR C 10 -17.76 15.76 4.65
C TYR C 10 -18.36 16.29 3.33
N ASP C 11 -17.87 15.75 2.22
CA ASP C 11 -18.41 15.95 0.87
C ASP C 11 -19.29 14.74 0.53
N VAL C 12 -20.60 14.99 0.40
CA VAL C 12 -21.62 13.92 0.21
C VAL C 12 -21.52 13.28 -1.17
N LYS C 13 -21.07 14.08 -2.13
CA LYS C 13 -20.88 13.68 -3.50
C LYS C 13 -19.72 12.70 -3.54
N GLU C 14 -18.61 13.10 -2.93
CA GLU C 14 -17.42 12.28 -2.84
C GLU C 14 -17.71 10.96 -2.11
N ALA C 15 -18.52 11.02 -1.05
CA ALA C 15 -18.88 9.85 -0.27
C ALA C 15 -19.74 8.87 -1.07
N LEU C 16 -20.56 9.41 -1.97
CA LEU C 16 -21.39 8.58 -2.85
C LEU C 16 -20.53 7.91 -3.93
N VAL C 17 -19.59 8.66 -4.51
CA VAL C 17 -18.64 8.06 -5.42
C VAL C 17 -17.99 6.85 -4.73
N PHE C 18 -17.48 7.04 -3.51
CA PHE C 18 -16.76 5.97 -2.80
C PHE C 18 -17.63 4.76 -2.48
N THR C 19 -18.80 5.02 -1.90
CA THR C 19 -19.79 4.01 -1.55
C THR C 19 -20.22 3.12 -2.71
N GLN C 20 -20.55 3.77 -3.84
CA GLN C 20 -20.92 3.06 -5.05
C GLN C 20 -19.74 2.29 -5.63
N LYS C 21 -18.55 2.86 -5.55
CA LYS C 21 -17.36 2.12 -5.92
C LYS C 21 -17.20 0.84 -5.08
N ALA C 23 -19.42 -0.80 -3.26
CA ALA C 23 -20.51 -1.72 -3.54
C ALA C 23 -20.29 -2.55 -4.81
N GLN C 24 -19.89 -1.90 -5.90
CA GLN C 24 -19.65 -2.58 -7.14
C GLN C 24 -18.46 -3.55 -7.03
N LEU C 25 -17.35 -3.08 -6.47
CA LEU C 25 -16.17 -3.94 -6.25
C LEU C 25 -16.48 -5.13 -5.35
N SER C 26 -17.20 -4.85 -4.27
CA SER C 26 -17.45 -5.88 -3.27
C SER C 26 -18.48 -6.97 -3.73
N LYS C 27 -19.49 -6.56 -4.48
CA LYS C 27 -20.42 -7.51 -5.09
C LYS C 27 -19.67 -8.38 -6.12
N ALA C 28 -18.86 -7.75 -6.98
CA ALA C 28 -18.09 -8.48 -7.99
C ALA C 28 -17.13 -9.48 -7.32
N LEU C 29 -16.40 -9.03 -6.29
CA LEU C 29 -15.47 -9.91 -5.58
C LEU C 29 -16.23 -11.07 -4.93
N TRP C 30 -17.26 -10.76 -4.14
CA TRP C 30 -17.98 -11.81 -3.45
C TRP C 30 -18.63 -12.83 -4.39
N LYS C 31 -19.27 -12.33 -5.46
CA LYS C 31 -19.97 -13.20 -6.40
C LYS C 31 -19.02 -14.18 -7.05
N SER C 32 -17.80 -13.75 -7.32
CA SER C 32 -16.81 -14.62 -7.92
C SER C 32 -16.32 -15.70 -6.94
N ILE C 33 -16.07 -15.31 -5.70
CA ILE C 33 -15.68 -16.27 -4.65
C ILE C 33 -16.80 -17.25 -4.35
N GLU C 34 -18.02 -16.75 -4.20
CA GLU C 34 -19.21 -17.54 -3.95
C GLU C 34 -19.45 -18.62 -5.02
N LYS C 35 -19.28 -18.26 -6.29
CA LYS C 35 -19.43 -19.20 -7.39
C LYS C 35 -18.37 -20.30 -7.31
N ASP C 36 -17.12 -19.91 -7.09
CA ASP C 36 -16.03 -20.86 -6.93
C ASP C 36 -16.27 -21.79 -5.75
N TRP C 37 -16.72 -21.21 -4.64
CA TRP C 37 -16.90 -21.94 -3.41
C TRP C 37 -18.01 -23.00 -3.59
N GLN C 38 -19.12 -22.61 -4.24
CA GLN C 38 -20.20 -23.52 -4.56
C GLN C 38 -19.77 -24.63 -5.54
N GLN C 39 -18.99 -24.29 -6.57
N GLN C 39 -18.95 -24.29 -6.53
CA GLN C 39 -18.42 -25.30 -7.48
CA GLN C 39 -18.44 -25.30 -7.46
C GLN C 39 -17.70 -26.35 -6.63
C GLN C 39 -17.62 -26.34 -6.69
N TRP C 40 -16.83 -25.86 -5.73
CA TRP C 40 -16.03 -26.69 -4.80
C TRP C 40 -16.84 -27.63 -3.92
N LEU C 41 -17.96 -27.11 -3.40
CA LEU C 41 -18.79 -27.88 -2.48
C LEU C 41 -19.80 -28.79 -3.18
N LYS C 42 -19.97 -28.61 -4.49
CA LYS C 42 -21.11 -29.20 -5.19
C LYS C 42 -21.26 -30.71 -5.00
N PRO C 43 -20.15 -31.48 -5.16
CA PRO C 43 -20.26 -32.93 -4.93
C PRO C 43 -20.56 -33.36 -3.50
N TYR C 44 -20.50 -32.44 -2.54
CA TYR C 44 -20.63 -32.79 -1.12
C TYR C 44 -21.95 -32.32 -0.55
N ASP C 45 -22.76 -31.63 -1.36
CA ASP C 45 -24.07 -31.18 -0.92
C ASP C 45 -24.00 -30.46 0.43
N LEU C 46 -23.05 -29.52 0.54
CA LEU C 46 -22.96 -28.59 1.65
C LEU C 46 -23.15 -27.23 1.04
N ASN C 47 -23.90 -26.34 1.68
CA ASN C 47 -23.86 -24.96 1.22
C ASN C 47 -22.68 -24.19 1.85
N ILE C 48 -22.47 -22.97 1.37
CA ILE C 48 -21.39 -22.11 1.83
C ILE C 48 -21.39 -21.96 3.35
N ASN C 49 -22.53 -21.65 3.94
CA ASN C 49 -22.58 -21.44 5.39
C ASN C 49 -22.27 -22.67 6.24
N GLU C 50 -22.68 -23.84 5.76
CA GLU C 50 -22.32 -25.09 6.39
C GLU C 50 -20.82 -25.38 6.34
N HIS C 51 -20.19 -25.12 5.19
CA HIS C 51 -18.76 -25.32 5.09
C HIS C 51 -18.02 -24.33 5.98
N HIS C 52 -18.49 -23.09 5.96
CA HIS C 52 -17.92 -22.06 6.77
C HIS C 52 -17.98 -22.44 8.24
N ILE C 53 -19.11 -22.99 8.67
CA ILE C 53 -19.28 -23.47 10.04
C ILE C 53 -18.25 -24.57 10.35
N LEU C 54 -18.06 -25.49 9.42
CA LEU C 54 -17.09 -26.56 9.65
C LEU C 54 -15.67 -25.99 9.77
N TRP C 55 -15.38 -24.94 8.99
CA TRP C 55 -14.07 -24.30 9.07
CA TRP C 55 -14.10 -24.20 9.04
C TRP C 55 -13.82 -23.60 10.41
N ILE C 56 -14.81 -22.87 10.93
CA ILE C 56 -14.68 -22.19 12.22
C ILE C 56 -14.50 -23.17 13.38
N ALA C 57 -15.30 -24.25 13.39
CA ALA C 57 -15.19 -25.25 14.43
C ALA C 57 -13.81 -25.91 14.33
N TYR C 58 -13.36 -26.13 13.11
CA TYR C 58 -12.02 -26.66 12.88
C TYR C 58 -10.94 -25.72 13.40
N GLN C 59 -10.99 -24.45 13.01
CA GLN C 59 -10.01 -23.44 13.41
C GLN C 59 -9.90 -23.24 14.92
N LEU C 60 -11.05 -23.03 15.56
CA LEU C 60 -11.13 -22.66 16.98
C LEU C 60 -11.04 -23.88 17.92
N ASN C 61 -10.90 -25.07 17.33
CA ASN C 61 -10.98 -26.35 18.05
C ASN C 61 -12.27 -26.41 18.86
N GLY C 62 -13.39 -26.37 18.14
CA GLY C 62 -14.69 -26.27 18.78
C GLY C 62 -15.04 -24.82 19.02
N ALA C 63 -16.32 -24.49 18.95
CA ALA C 63 -16.74 -23.11 19.07
C ALA C 63 -18.16 -23.04 19.55
N SER C 64 -18.47 -21.94 20.23
CA SER C 64 -19.84 -21.63 20.59
C SER C 64 -20.60 -21.14 19.36
N ILE C 65 -21.93 -21.19 19.44
CA ILE C 65 -22.77 -20.68 18.37
C ILE C 65 -22.51 -19.18 18.15
N SER C 66 -22.41 -18.39 19.21
CA SER C 66 -22.07 -16.96 19.05
C SER C 66 -20.75 -16.75 18.28
N GLU C 67 -19.71 -17.50 18.61
CA GLU C 67 -18.47 -17.52 17.78
C GLU C 67 -18.68 -17.89 16.30
N ILE C 68 -19.52 -18.90 16.02
CA ILE C 68 -19.86 -19.29 14.64
C ILE C 68 -20.56 -18.14 13.91
N ALA C 69 -21.39 -17.38 14.64
CA ALA C 69 -22.07 -16.21 14.08
C ALA C 69 -21.13 -15.03 13.84
N LYS C 70 -20.29 -14.72 14.84
CA LYS C 70 -19.28 -13.67 14.69
C LYS C 70 -18.39 -13.92 13.48
N PHE C 71 -17.66 -15.02 13.49
CA PHE C 71 -16.65 -15.28 12.46
C PHE C 71 -17.23 -15.72 11.10
N GLY C 72 -18.44 -16.28 11.12
CA GLY C 72 -19.04 -16.78 9.90
C GLY C 72 -19.84 -15.71 9.20
N VAL C 73 -19.97 -14.54 9.83
CA VAL C 73 -20.70 -13.39 9.28
C VAL C 73 -22.14 -13.81 8.99
N HIS C 75 -26.28 -14.43 11.06
CA HIS C 75 -27.18 -14.27 12.21
C HIS C 75 -26.96 -15.48 13.12
N VAL C 76 -27.13 -15.28 14.42
CA VAL C 76 -26.97 -16.35 15.40
C VAL C 76 -28.00 -17.48 15.17
N SER C 77 -29.15 -17.12 14.58
CA SER C 77 -30.18 -18.06 14.22
C SER C 77 -29.69 -18.96 13.10
N THR C 78 -29.18 -18.32 12.03
CA THR C 78 -28.61 -19.01 10.89
C THR C 78 -27.49 -19.98 11.31
N ALA C 79 -26.61 -19.50 12.19
CA ALA C 79 -25.53 -20.31 12.75
C ALA C 79 -26.08 -21.55 13.49
N PHE C 80 -27.04 -21.35 14.39
CA PHE C 80 -27.70 -22.46 15.09
C PHE C 80 -28.41 -23.44 14.12
N ASN C 81 -29.21 -22.92 13.19
CA ASN C 81 -30.00 -23.75 12.28
C ASN C 81 -29.16 -24.58 11.33
N PHE C 82 -28.14 -23.97 10.71
CA PHE C 82 -27.20 -24.71 9.88
C PHE C 82 -26.32 -25.67 10.70
N SER C 83 -26.02 -25.30 11.95
CA SER C 83 -25.33 -26.22 12.87
C SER C 83 -26.22 -27.41 13.24
N LYS C 84 -27.53 -27.17 13.38
CA LYS C 84 -28.47 -28.30 13.57
C LYS C 84 -28.58 -29.15 12.30
N LYS C 85 -28.54 -28.54 11.12
CA LYS C 85 -28.50 -29.33 9.88
C LYS C 85 -27.26 -30.23 9.88
N LEU C 86 -26.13 -29.68 10.31
CA LEU C 86 -24.87 -30.41 10.29
C LEU C 86 -24.81 -31.55 11.31
N GLU C 87 -25.39 -31.30 12.49
CA GLU C 87 -25.50 -32.29 13.55
C GLU C 87 -26.34 -33.46 13.05
N GLU C 88 -27.49 -33.11 12.46
CA GLU C 88 -28.44 -34.06 11.88
C GLU C 88 -27.78 -34.99 10.86
N ARG C 89 -26.78 -34.47 10.15
CA ARG C 89 -26.00 -35.23 9.17
C ARG C 89 -24.81 -35.97 9.80
N GLY C 90 -24.55 -35.73 11.08
CA GLY C 90 -23.44 -36.38 11.77
C GLY C 90 -22.11 -35.64 11.72
N TYR C 91 -22.08 -34.42 11.19
CA TYR C 91 -20.82 -33.71 11.03
C TYR C 91 -20.42 -32.93 12.27
N LEU C 92 -21.39 -32.68 13.15
CA LEU C 92 -21.19 -31.82 14.31
C LEU C 92 -21.83 -32.45 15.56
N ARG C 93 -21.09 -32.43 16.66
CA ARG C 93 -21.60 -32.81 17.96
C ARG C 93 -21.74 -31.52 18.80
N PHE C 94 -22.88 -31.36 19.46
CA PHE C 94 -23.12 -30.27 20.41
C PHE C 94 -22.61 -30.65 21.80
N SER C 95 -21.94 -29.73 22.48
CA SER C 95 -21.73 -29.84 23.93
C SER C 95 -22.26 -28.56 24.60
N LYS C 96 -21.98 -28.40 25.89
CA LYS C 96 -22.59 -27.35 26.72
C LYS C 96 -24.08 -27.16 26.39
N ARG C 97 -24.79 -28.29 26.35
CA ARG C 97 -26.20 -28.38 25.98
C ARG C 97 -27.12 -27.68 26.99
N LEU C 98 -26.64 -27.59 28.24
CA LEU C 98 -27.37 -26.89 29.30
C LEU C 98 -27.38 -25.35 29.09
N ASN C 99 -26.32 -24.81 28.48
CA ASN C 99 -26.27 -23.38 28.12
C ASN C 99 -27.39 -22.95 27.17
N ASP C 100 -27.73 -21.67 27.17
CA ASP C 100 -28.73 -21.14 26.25
C ASP C 100 -28.25 -21.14 24.78
N LYS C 101 -29.16 -20.86 23.85
CA LYS C 101 -28.95 -21.12 22.43
C LYS C 101 -27.55 -20.72 21.89
N ARG C 102 -27.24 -19.43 21.99
CA ARG C 102 -26.00 -18.87 21.45
C ARG C 102 -24.75 -19.30 22.25
N ASN C 103 -24.97 -19.78 23.47
CA ASN C 103 -23.89 -20.25 24.33
C ASN C 103 -23.59 -21.75 24.29
N THR C 104 -24.34 -22.49 23.48
CA THR C 104 -24.03 -23.92 23.26
C THR C 104 -22.80 -24.05 22.38
N TYR C 105 -22.12 -25.18 22.51
CA TYR C 105 -20.83 -25.39 21.90
C TYR C 105 -20.98 -26.48 20.85
N VAL C 106 -20.19 -26.37 19.80
CA VAL C 106 -20.23 -27.36 18.73
C VAL C 106 -18.80 -27.71 18.34
N GLN C 107 -18.58 -28.97 17.95
CA GLN C 107 -17.28 -29.40 17.40
C GLN C 107 -17.39 -30.50 16.37
N LEU C 108 -16.34 -30.71 15.59
CA LEU C 108 -16.38 -31.72 14.54
C LEU C 108 -16.40 -33.13 15.11
N THR C 109 -17.25 -33.96 14.51
CA THR C 109 -17.21 -35.41 14.69
C THR C 109 -16.18 -35.98 13.71
N GLU C 110 -15.83 -37.24 13.93
CA GLU C 110 -14.90 -37.98 13.09
C GLU C 110 -15.25 -37.89 11.60
N GLU C 111 -16.53 -38.03 11.26
CA GLU C 111 -16.93 -37.92 9.87
C GLU C 111 -17.09 -36.46 9.42
N GLY C 112 -17.34 -35.58 10.39
CA GLY C 112 -17.27 -34.14 10.14
C GLY C 112 -15.86 -33.83 9.66
N THR C 113 -14.88 -34.35 10.38
CA THR C 113 -13.48 -34.15 10.08
C THR C 113 -13.07 -34.76 8.72
N GLU C 114 -13.53 -35.99 8.45
CA GLU C 114 -13.29 -36.67 7.18
C GLU C 114 -13.73 -35.84 5.97
N VAL C 115 -14.90 -35.21 6.08
CA VAL C 115 -15.46 -34.41 4.99
C VAL C 115 -14.61 -33.16 4.79
N PHE C 116 -14.26 -32.54 5.91
CA PHE C 116 -13.42 -31.35 5.88
C PHE C 116 -12.09 -31.58 5.15
N TRP C 117 -11.40 -32.66 5.53
CA TRP C 117 -10.13 -33.04 4.93
C TRP C 117 -10.22 -33.41 3.44
N SER C 118 -11.26 -34.14 3.05
CA SER C 118 -11.37 -34.53 1.63
C SER C 118 -11.63 -33.32 0.72
N LEU C 119 -12.40 -32.35 1.21
CA LEU C 119 -12.55 -31.06 0.50
C LEU C 119 -11.24 -30.33 0.33
N LEU C 120 -10.42 -30.40 1.38
CA LEU C 120 -9.10 -29.77 1.39
C LEU C 120 -8.09 -30.45 0.47
N GLU C 121 -8.20 -31.77 0.32
CA GLU C 121 -7.41 -32.49 -0.66
C GLU C 121 -7.84 -32.18 -2.09
N GLU C 122 -9.00 -31.56 -2.24
CA GLU C 122 -9.55 -31.31 -3.56
C GLU C 122 -9.43 -29.87 -3.98
N PHE C 123 -8.89 -29.05 -3.06
CA PHE C 123 -8.72 -27.63 -3.30
C PHE C 123 -7.70 -27.43 -4.41
N ASP C 124 -8.09 -26.75 -5.47
CA ASP C 124 -7.19 -26.47 -6.59
C ASP C 124 -7.15 -24.98 -6.88
N PRO C 125 -6.10 -24.29 -6.42
CA PRO C 125 -6.06 -22.85 -6.55
C PRO C 125 -6.08 -22.39 -8.01
N THR C 126 -5.56 -23.22 -8.91
CA THR C 126 -5.59 -22.90 -10.34
C THR C 126 -7.02 -22.80 -10.93
N ARG C 127 -7.98 -23.41 -10.23
N ARG C 127 -8.03 -23.38 -10.27
CA ARG C 127 -9.41 -23.33 -10.55
CA ARG C 127 -9.39 -23.18 -10.76
C ARG C 127 -10.09 -22.33 -9.60
C ARG C 127 -10.08 -22.02 -10.01
N ASN C 128 -9.32 -21.34 -9.15
CA ASN C 128 -9.91 -20.27 -8.34
C ASN C 128 -9.66 -18.91 -8.99
N ALA C 129 -10.74 -18.18 -9.21
CA ALA C 129 -10.71 -16.91 -9.96
C ALA C 129 -9.91 -15.83 -9.24
N VAL C 130 -10.06 -15.78 -7.93
CA VAL C 130 -9.31 -14.84 -7.11
C VAL C 130 -7.81 -15.16 -7.09
N PHE C 131 -7.47 -16.45 -7.08
CA PHE C 131 -6.07 -16.84 -7.12
C PHE C 131 -5.50 -16.44 -8.47
N LYS C 132 -6.24 -16.72 -9.54
CA LYS C 132 -5.78 -16.39 -10.89
C LYS C 132 -5.73 -14.89 -11.16
N GLY C 133 -6.68 -14.17 -10.59
CA GLY C 133 -6.75 -12.75 -10.76
C GLY C 133 -5.70 -12.02 -9.94
N SER C 134 -5.06 -12.69 -8.99
CA SER C 134 -3.98 -12.10 -8.23
C SER C 134 -2.57 -12.47 -8.69
N GLN C 135 -2.44 -13.32 -9.70
CA GLN C 135 -1.13 -13.73 -10.22
C GLN C 135 -0.25 -12.58 -10.70
N PRO C 136 -0.83 -11.62 -11.45
CA PRO C 136 -0.02 -10.46 -11.83
C PRO C 136 0.57 -9.68 -10.66
N LEU C 137 -0.21 -9.55 -9.59
CA LEU C 137 0.24 -8.79 -8.42
C LEU C 137 1.33 -9.61 -7.77
N TYR C 138 1.08 -10.91 -7.72
CA TYR C 138 2.02 -11.87 -7.16
C TYR C 138 3.34 -11.84 -7.92
N HIS C 139 3.29 -11.81 -9.25
CA HIS C 139 4.53 -11.80 -10.01
CA HIS C 139 4.51 -11.79 -10.06
C HIS C 139 5.26 -10.47 -9.91
N LEU C 140 4.52 -9.38 -9.85
CA LEU C 140 5.15 -8.07 -9.61
C LEU C 140 5.85 -8.07 -8.24
N PHE C 141 5.12 -8.36 -7.18
CA PHE C 141 5.60 -8.15 -5.80
C PHE C 141 6.29 -9.35 -5.13
N GLY C 142 6.09 -10.55 -5.63
CA GLY C 142 6.77 -11.72 -5.03
C GLY C 142 6.02 -12.33 -3.85
N LYS C 143 4.80 -11.87 -3.63
CA LYS C 143 3.87 -12.42 -2.65
C LYS C 143 2.46 -11.96 -2.97
N PHE C 144 1.47 -12.59 -2.34
CA PHE C 144 0.09 -12.23 -2.54
C PHE C 144 -0.18 -10.84 -1.97
N PRO C 145 -1.12 -10.10 -2.59
CA PRO C 145 -1.44 -8.74 -2.11
C PRO C 145 -1.90 -8.76 -0.66
N GLU C 146 -1.42 -7.80 0.14
CA GLU C 146 -1.89 -7.79 1.51
CA GLU C 146 -1.85 -7.65 1.55
C GLU C 146 -3.29 -7.19 1.69
N VAL C 147 -3.81 -6.48 0.66
CA VAL C 147 -5.11 -5.76 0.74
C VAL C 147 -5.32 -5.11 2.12
N ALA C 148 -4.31 -4.33 2.53
CA ALA C 148 -4.29 -3.65 3.84
C ALA C 148 -5.45 -2.69 4.07
N GLU C 149 -5.82 -1.93 3.03
CA GLU C 149 -6.89 -0.93 3.14
C GLU C 149 -8.24 -1.64 3.38
N CYS C 152 -8.24 -2.98 6.96
CA CYS C 152 -8.42 -1.85 7.85
C CYS C 152 -9.91 -1.47 8.00
N ILE C 154 -12.60 -3.49 7.27
CA ILE C 154 -13.23 -4.62 7.95
C ILE C 154 -12.94 -4.55 9.46
N ARG C 155 -11.70 -4.29 9.86
CA ARG C 155 -11.39 -4.20 11.28
C ARG C 155 -12.24 -3.13 11.97
N HIS C 156 -12.48 -2.01 11.31
CA HIS C 156 -13.31 -0.98 11.92
C HIS C 156 -14.81 -1.24 11.90
N ILE C 157 -15.28 -2.00 10.92
CA ILE C 157 -16.69 -2.41 10.83
C ILE C 157 -16.96 -3.57 11.81
N TYR C 158 -16.10 -4.58 11.83
CA TYR C 158 -16.35 -5.74 12.67
C TYR C 158 -15.66 -5.76 14.05
N GLY C 159 -14.64 -4.94 14.25
CA GLY C 159 -13.90 -4.93 15.52
C GLY C 159 -12.69 -5.86 15.53
N ASP C 160 -11.85 -5.67 16.54
CA ASP C 160 -10.63 -6.43 16.72
C ASP C 160 -10.83 -7.92 17.01
N ASP C 161 -11.85 -8.28 17.78
CA ASP C 161 -12.12 -9.68 18.06
C ASP C 161 -12.34 -10.47 16.79
N PHE C 162 -13.12 -9.92 15.87
CA PHE C 162 -13.37 -10.53 14.56
C PHE C 162 -12.11 -10.85 13.75
N GLU C 164 -9.18 -11.61 14.81
CA GLU C 164 -8.39 -12.68 15.41
C GLU C 164 -8.46 -13.95 14.59
N ILE C 165 -9.60 -14.18 13.95
CA ILE C 165 -9.77 -15.35 13.10
C ILE C 165 -8.67 -15.46 12.02
N PHE C 166 -8.20 -14.32 11.51
CA PHE C 166 -7.07 -14.26 10.55
C PHE C 166 -5.73 -14.82 11.07
N GLU C 167 -5.46 -14.72 12.37
CA GLU C 167 -4.24 -15.29 12.96
C GLU C 167 -4.19 -16.83 12.91
N THR C 168 -5.31 -17.46 13.26
CA THR C 168 -5.43 -18.91 13.27
C THR C 168 -5.70 -19.43 11.84
N SER C 169 -4.76 -20.21 11.30
CA SER C 169 -4.77 -20.68 9.89
C SER C 169 -3.68 -21.70 9.49
N PRO D 9 4.57 -21.79 -10.83
CA PRO D 9 4.93 -22.97 -10.07
C PRO D 9 4.62 -22.77 -8.57
N TYR D 10 3.32 -22.66 -8.26
CA TYR D 10 2.84 -22.18 -6.94
C TYR D 10 3.08 -23.10 -5.72
N ASP D 11 3.09 -22.48 -4.53
CA ASP D 11 2.99 -23.15 -3.23
C ASP D 11 1.52 -23.19 -2.73
N VAL D 12 0.95 -24.41 -2.63
CA VAL D 12 -0.49 -24.62 -2.40
C VAL D 12 -0.99 -24.19 -1.01
N LYS D 13 -0.14 -24.31 0.01
CA LYS D 13 -0.49 -23.87 1.36
C LYS D 13 -0.59 -22.37 1.42
N GLU D 14 0.34 -21.70 0.73
CA GLU D 14 0.34 -20.25 0.65
C GLU D 14 -0.89 -19.79 -0.11
N ALA D 15 -1.22 -20.49 -1.19
CA ALA D 15 -2.40 -20.21 -2.00
C ALA D 15 -3.70 -20.35 -1.19
N LEU D 16 -3.74 -21.35 -0.32
CA LEU D 16 -4.90 -21.59 0.52
C LEU D 16 -5.04 -20.50 1.59
N VAL D 17 -3.92 -20.10 2.17
CA VAL D 17 -3.96 -19.00 3.16
C VAL D 17 -4.55 -17.76 2.50
N PHE D 18 -4.10 -17.45 1.29
CA PHE D 18 -4.60 -16.29 0.58
C PHE D 18 -6.08 -16.39 0.22
N THR D 19 -6.46 -17.50 -0.43
CA THR D 19 -7.82 -17.63 -0.97
C THR D 19 -8.83 -17.58 0.17
N GLN D 20 -8.47 -18.21 1.28
CA GLN D 20 -9.34 -18.20 2.43
C GLN D 20 -9.38 -16.86 3.16
N LYS D 21 -8.28 -16.13 3.16
CA LYS D 21 -8.30 -14.76 3.65
C LYS D 21 -9.20 -13.87 2.75
N ALA D 23 -11.68 -14.84 0.87
CA ALA D 23 -13.07 -15.28 1.03
C ALA D 23 -13.73 -14.67 2.28
N GLN D 24 -12.99 -14.69 3.37
CA GLN D 24 -13.40 -14.14 4.64
C GLN D 24 -13.58 -12.61 4.55
N LEU D 25 -12.58 -11.87 4.04
CA LEU D 25 -12.70 -10.41 3.91
C LEU D 25 -13.85 -10.03 2.99
N SER D 26 -13.89 -10.71 1.86
CA SER D 26 -14.88 -10.40 0.85
C SER D 26 -16.33 -10.69 1.33
N LYS D 27 -16.51 -11.77 2.11
CA LYS D 27 -17.83 -12.06 2.69
C LYS D 27 -18.21 -10.95 3.68
N ALA D 28 -17.31 -10.61 4.59
CA ALA D 28 -17.55 -9.59 5.60
C ALA D 28 -17.89 -8.23 4.98
N LEU D 29 -17.12 -7.85 3.97
CA LEU D 29 -17.33 -6.58 3.29
C LEU D 29 -18.68 -6.54 2.57
N TRP D 30 -18.95 -7.55 1.75
CA TRP D 30 -20.20 -7.64 1.02
C TRP D 30 -21.41 -7.68 1.95
N LYS D 31 -21.35 -8.49 3.02
CA LYS D 31 -22.52 -8.60 3.93
C LYS D 31 -22.81 -7.28 4.65
N SER D 32 -21.76 -6.51 4.92
CA SER D 32 -21.92 -5.19 5.48
C SER D 32 -22.67 -4.28 4.50
N ILE D 33 -22.21 -4.24 3.26
CA ILE D 33 -22.81 -3.43 2.23
C ILE D 33 -24.22 -3.87 1.87
N GLU D 34 -24.41 -5.17 1.78
CA GLU D 34 -25.71 -5.73 1.49
C GLU D 34 -26.72 -5.32 2.56
N LYS D 35 -26.30 -5.36 3.81
CA LYS D 35 -27.18 -4.94 4.91
C LYS D 35 -27.59 -3.46 4.80
N ASP D 36 -26.64 -2.56 4.58
CA ASP D 36 -26.95 -1.13 4.48
C ASP D 36 -27.79 -0.82 3.24
N TRP D 37 -27.52 -1.54 2.16
CA TRP D 37 -28.22 -1.33 0.92
C TRP D 37 -29.67 -1.81 1.07
N GLN D 38 -29.91 -2.92 1.76
CA GLN D 38 -31.28 -3.37 1.85
C GLN D 38 -32.08 -2.55 2.89
N GLN D 39 -31.39 -1.99 3.86
N GLN D 39 -31.39 -2.01 3.88
CA GLN D 39 -32.00 -1.03 4.78
CA GLN D 39 -31.95 -1.00 4.80
C GLN D 39 -32.43 0.23 4.01
C GLN D 39 -32.43 0.21 3.99
N TRP D 40 -31.59 0.64 3.05
CA TRP D 40 -31.85 1.80 2.19
C TRP D 40 -33.09 1.57 1.32
N LEU D 41 -33.25 0.37 0.79
CA LEU D 41 -34.37 -0.01 -0.09
C LEU D 41 -35.63 -0.53 0.62
N LYS D 42 -35.59 -0.52 1.95
CA LYS D 42 -36.69 -1.00 2.79
C LYS D 42 -38.02 -0.31 2.48
N PRO D 43 -38.06 1.06 2.43
CA PRO D 43 -39.32 1.77 2.06
C PRO D 43 -39.89 1.47 0.66
N TYR D 44 -39.04 0.97 -0.23
CA TYR D 44 -39.36 0.85 -1.64
C TYR D 44 -39.66 -0.58 -2.05
N ASP D 45 -40.14 -0.73 -3.26
CA ASP D 45 -40.56 -2.03 -3.77
C ASP D 45 -39.35 -2.96 -4.10
N LEU D 46 -38.18 -2.34 -4.31
CA LEU D 46 -37.04 -2.98 -4.94
C LEU D 46 -36.16 -3.82 -4.04
N ASN D 47 -35.69 -4.93 -4.61
CA ASN D 47 -34.61 -5.68 -4.03
C ASN D 47 -33.27 -5.15 -4.59
N ILE D 48 -32.15 -5.63 -4.06
CA ILE D 48 -30.86 -5.08 -4.42
C ILE D 48 -30.62 -5.20 -5.92
N ASN D 49 -30.87 -6.37 -6.48
CA ASN D 49 -30.70 -6.56 -7.91
C ASN D 49 -31.60 -5.68 -8.79
N GLU D 50 -32.79 -5.33 -8.32
CA GLU D 50 -33.64 -4.40 -9.07
C GLU D 50 -33.12 -2.95 -8.99
N HIS D 51 -32.61 -2.54 -7.83
CA HIS D 51 -31.98 -1.23 -7.73
C HIS D 51 -30.74 -1.14 -8.64
N HIS D 52 -29.95 -2.21 -8.64
CA HIS D 52 -28.76 -2.29 -9.45
C HIS D 52 -29.08 -2.24 -10.96
N ILE D 53 -30.12 -2.95 -11.39
CA ILE D 53 -30.58 -2.81 -12.78
C ILE D 53 -30.91 -1.35 -13.11
N LEU D 54 -31.73 -0.69 -12.28
CA LEU D 54 -32.07 0.73 -12.43
C LEU D 54 -30.82 1.62 -12.55
N TRP D 55 -29.88 1.43 -11.62
CA TRP D 55 -28.63 2.14 -11.62
C TRP D 55 -27.84 2.02 -12.93
N ILE D 56 -27.77 0.81 -13.48
CA ILE D 56 -27.05 0.60 -14.72
C ILE D 56 -27.75 1.27 -15.91
N ALA D 57 -29.08 1.11 -16.00
CA ALA D 57 -29.89 1.83 -16.99
C ALA D 57 -29.65 3.34 -16.94
N TYR D 58 -29.63 3.88 -15.73
CA TYR D 58 -29.38 5.30 -15.50
C TYR D 58 -28.00 5.77 -15.98
N GLN D 59 -26.97 5.03 -15.60
CA GLN D 59 -25.57 5.32 -15.98
C GLN D 59 -25.32 5.26 -17.49
N LEU D 60 -25.88 4.23 -18.13
CA LEU D 60 -25.60 3.97 -19.52
C LEU D 60 -26.58 4.67 -20.45
N ASN D 61 -27.60 5.32 -19.86
CA ASN D 61 -28.69 5.96 -20.61
C ASN D 61 -29.46 4.96 -21.44
N GLY D 62 -29.88 3.88 -20.82
CA GLY D 62 -30.42 2.75 -21.53
C GLY D 62 -29.31 1.71 -21.62
N ALA D 63 -29.67 0.48 -21.27
CA ALA D 63 -28.72 -0.62 -21.27
C ALA D 63 -29.36 -1.85 -21.91
N SER D 64 -28.55 -2.59 -22.66
CA SER D 64 -28.94 -3.88 -23.24
C SER D 64 -29.02 -4.87 -22.11
N ILE D 65 -29.78 -5.95 -22.26
CA ILE D 65 -29.88 -6.92 -21.16
C ILE D 65 -28.54 -7.59 -20.85
N SER D 66 -27.66 -7.72 -21.85
CA SER D 66 -26.33 -8.28 -21.61
C SER D 66 -25.42 -7.31 -20.87
N GLU D 67 -25.57 -6.00 -21.11
CA GLU D 67 -24.91 -4.99 -20.28
C GLU D 67 -25.36 -5.05 -18.82
N ILE D 68 -26.66 -5.24 -18.60
CA ILE D 68 -27.23 -5.40 -17.27
C ILE D 68 -26.66 -6.66 -16.61
N ALA D 69 -26.57 -7.74 -17.39
CA ALA D 69 -25.97 -9.00 -16.91
C ALA D 69 -24.50 -8.75 -16.48
N LYS D 70 -23.71 -8.21 -17.41
CA LYS D 70 -22.30 -7.90 -17.21
C LYS D 70 -22.05 -6.97 -16.02
N PHE D 71 -22.58 -5.75 -16.11
CA PHE D 71 -22.30 -4.75 -15.10
C PHE D 71 -22.98 -5.01 -13.74
N GLY D 72 -24.09 -5.73 -13.76
CA GLY D 72 -24.86 -5.99 -12.54
C GLY D 72 -24.45 -7.26 -11.80
N VAL D 73 -23.58 -8.05 -12.42
CA VAL D 73 -23.07 -9.28 -11.84
C VAL D 73 -24.24 -10.25 -11.60
N HIS D 75 -26.63 -13.55 -14.13
CA HIS D 75 -26.96 -14.17 -15.43
C HIS D 75 -27.81 -13.26 -16.31
N VAL D 76 -27.77 -13.52 -17.62
CA VAL D 76 -28.74 -12.90 -18.56
C VAL D 76 -30.17 -13.31 -18.20
N SER D 77 -30.30 -14.43 -17.48
CA SER D 77 -31.58 -14.94 -17.02
C SER D 77 -32.17 -14.05 -15.92
N THR D 78 -31.36 -13.68 -14.95
CA THR D 78 -31.82 -12.82 -13.86
C THR D 78 -32.08 -11.42 -14.39
N ALA D 79 -31.26 -11.03 -15.37
CA ALA D 79 -31.28 -9.70 -15.95
C ALA D 79 -32.53 -9.48 -16.81
N PHE D 80 -32.80 -10.38 -17.75
CA PHE D 80 -34.04 -10.33 -18.53
C PHE D 80 -35.29 -10.47 -17.64
N ASN D 81 -35.20 -11.38 -16.67
CA ASN D 81 -36.25 -11.65 -15.71
C ASN D 81 -36.60 -10.49 -14.79
N PHE D 82 -35.59 -9.91 -14.13
CA PHE D 82 -35.85 -8.81 -13.19
C PHE D 82 -36.27 -7.54 -13.93
N SER D 83 -35.77 -7.38 -15.16
CA SER D 83 -36.17 -6.28 -16.04
C SER D 83 -37.66 -6.37 -16.36
N LYS D 84 -38.12 -7.57 -16.75
CA LYS D 84 -39.54 -7.84 -17.02
C LYS D 84 -40.41 -7.51 -15.81
N LYS D 85 -39.98 -7.94 -14.62
CA LYS D 85 -40.63 -7.56 -13.37
C LYS D 85 -40.75 -6.03 -13.28
N LEU D 86 -39.65 -5.35 -13.59
CA LEU D 86 -39.57 -3.89 -13.44
C LEU D 86 -40.44 -3.11 -14.44
N GLU D 87 -40.50 -3.61 -15.66
CA GLU D 87 -41.31 -3.03 -16.72
C GLU D 87 -42.81 -3.07 -16.37
N GLU D 88 -43.17 -4.05 -15.55
CA GLU D 88 -44.58 -4.30 -15.20
C GLU D 88 -45.01 -3.54 -13.94
N ARG D 89 -44.02 -2.99 -13.23
CA ARG D 89 -44.29 -2.02 -12.17
C ARG D 89 -44.23 -0.60 -12.73
N GLY D 90 -43.87 -0.52 -14.05
CA GLY D 90 -43.69 0.77 -14.72
C GLY D 90 -42.49 1.59 -14.27
N TYR D 91 -41.37 0.92 -13.95
CA TYR D 91 -40.11 1.63 -13.68
C TYR D 91 -39.16 1.60 -14.87
N LEU D 92 -39.41 0.67 -15.80
CA LEU D 92 -38.51 0.39 -16.90
C LEU D 92 -39.24 0.24 -18.23
N ARG D 93 -38.61 0.65 -19.33
CA ARG D 93 -39.18 0.49 -20.65
C ARG D 93 -38.26 -0.27 -21.61
N PHE D 94 -38.87 -1.10 -22.47
CA PHE D 94 -38.15 -1.93 -23.45
C PHE D 94 -38.02 -1.29 -24.84
N SER D 95 -36.94 -1.61 -25.54
CA SER D 95 -36.65 -1.09 -26.88
C SER D 95 -36.13 -2.17 -27.82
N LYS D 96 -36.17 -1.88 -29.13
CA LYS D 96 -35.45 -2.66 -30.13
C LYS D 96 -34.40 -1.81 -30.86
N THR D 104 -32.01 -6.21 -27.03
CA THR D 104 -33.08 -5.34 -26.53
C THR D 104 -32.57 -4.49 -25.35
N TYR D 105 -32.91 -3.20 -25.34
CA TYR D 105 -32.49 -2.28 -24.28
C TYR D 105 -33.57 -2.06 -23.21
N VAL D 106 -33.17 -1.44 -22.10
CA VAL D 106 -34.05 -1.01 -21.00
C VAL D 106 -33.69 0.41 -20.53
N GLN D 107 -34.70 1.12 -20.02
CA GLN D 107 -34.61 2.53 -19.68
C GLN D 107 -35.53 2.92 -18.56
N LEU D 108 -35.08 3.85 -17.73
CA LEU D 108 -35.89 4.37 -16.67
C LEU D 108 -37.06 5.13 -17.26
N THR D 109 -38.24 4.84 -16.73
CA THR D 109 -39.42 5.62 -17.00
C THR D 109 -39.41 6.81 -16.01
N GLU D 110 -40.36 7.72 -16.19
CA GLU D 110 -40.53 8.86 -15.30
C GLU D 110 -40.74 8.40 -13.85
N GLU D 111 -41.43 7.26 -13.69
CA GLU D 111 -41.61 6.60 -12.39
C GLU D 111 -40.32 5.99 -11.87
N GLY D 112 -39.60 5.31 -12.76
CA GLY D 112 -38.30 4.74 -12.46
C GLY D 112 -37.37 5.82 -11.95
N THR D 113 -37.26 6.89 -12.72
CA THR D 113 -36.43 8.06 -12.42
C THR D 113 -36.80 8.68 -11.06
N GLU D 114 -38.10 8.85 -10.80
CA GLU D 114 -38.60 9.36 -9.52
C GLU D 114 -38.20 8.47 -8.33
N VAL D 115 -38.42 7.16 -8.44
CA VAL D 115 -38.04 6.23 -7.38
C VAL D 115 -36.51 6.21 -7.27
N PHE D 116 -35.83 6.38 -8.40
CA PHE D 116 -34.36 6.43 -8.45
C PHE D 116 -33.81 7.68 -7.75
N TRP D 117 -34.29 8.85 -8.16
N TRP D 117 -34.28 8.86 -8.13
CA TRP D 117 -33.90 10.13 -7.56
CA TRP D 117 -33.77 10.07 -7.47
C TRP D 117 -34.17 10.16 -6.03
C TRP D 117 -34.18 10.21 -5.99
N SER D 118 -35.33 9.68 -5.62
CA SER D 118 -35.73 9.72 -4.20
C SER D 118 -34.79 8.88 -3.33
N LEU D 119 -34.39 7.71 -3.81
CA LEU D 119 -33.31 6.93 -3.15
C LEU D 119 -32.05 7.75 -2.99
N LEU D 120 -31.63 8.43 -4.05
CA LEU D 120 -30.40 9.22 -3.98
C LEU D 120 -30.48 10.38 -2.99
N GLU D 121 -31.68 10.95 -2.81
CA GLU D 121 -31.91 12.00 -1.80
C GLU D 121 -31.89 11.46 -0.36
N GLU D 122 -32.36 10.23 -0.16
CA GLU D 122 -32.32 9.58 1.15
C GLU D 122 -30.94 9.05 1.54
N PHE D 123 -29.97 9.14 0.63
CA PHE D 123 -28.63 8.58 0.89
C PHE D 123 -27.89 9.32 2.01
N ASP D 124 -27.60 8.60 3.08
CA ASP D 124 -26.93 9.20 4.23
C ASP D 124 -25.65 8.41 4.50
N PRO D 125 -24.47 8.98 4.18
CA PRO D 125 -23.23 8.24 4.40
C PRO D 125 -22.96 7.92 5.87
N THR D 126 -23.45 8.77 6.77
CA THR D 126 -23.24 8.55 8.21
C THR D 126 -23.92 7.26 8.71
N ARG D 127 -24.87 6.73 7.95
CA ARG D 127 -25.53 5.48 8.35
C ARG D 127 -25.01 4.28 7.57
N ASN D 128 -23.82 4.45 6.98
CA ASN D 128 -23.23 3.47 6.09
C ASN D 128 -21.96 2.94 6.71
N ALA D 129 -21.88 1.60 6.82
CA ALA D 129 -20.81 0.97 7.58
C ALA D 129 -19.44 1.13 6.94
N VAL D 130 -19.39 1.02 5.62
CA VAL D 130 -18.15 1.18 4.86
C VAL D 130 -17.65 2.63 4.91
N PHE D 131 -18.55 3.60 4.79
CA PHE D 131 -18.20 5.00 4.97
C PHE D 131 -17.60 5.22 6.36
N LYS D 132 -18.31 4.80 7.40
CA LYS D 132 -17.82 4.95 8.77
C LYS D 132 -16.49 4.24 8.97
N GLY D 133 -16.41 3.00 8.48
CA GLY D 133 -15.19 2.22 8.55
C GLY D 133 -14.00 2.79 7.82
N SER D 134 -14.22 3.68 6.86
CA SER D 134 -13.14 4.27 6.06
C SER D 134 -12.71 5.64 6.52
N GLN D 135 -13.36 6.14 7.58
CA GLN D 135 -13.01 7.44 8.15
C GLN D 135 -11.55 7.52 8.68
N PRO D 136 -11.08 6.50 9.42
CA PRO D 136 -9.68 6.58 9.81
C PRO D 136 -8.74 6.72 8.59
N LEU D 137 -8.93 5.91 7.55
CA LEU D 137 -8.13 6.01 6.32
C LEU D 137 -8.24 7.37 5.67
N TYR D 138 -9.46 7.86 5.60
CA TYR D 138 -9.74 9.18 5.05
C TYR D 138 -9.03 10.30 5.83
N HIS D 139 -9.02 10.18 7.17
N HIS D 139 -9.00 10.19 7.16
CA HIS D 139 -8.40 11.21 8.05
CA HIS D 139 -8.40 11.28 7.95
C HIS D 139 -6.91 11.23 7.78
C HIS D 139 -6.88 11.23 7.91
N LEU D 140 -6.33 10.04 7.68
CA LEU D 140 -4.90 9.90 7.43
C LEU D 140 -4.49 10.41 6.03
N PHE D 141 -5.12 9.92 4.96
CA PHE D 141 -4.67 10.23 3.62
C PHE D 141 -5.35 11.46 3.04
N GLY D 142 -6.41 11.93 3.67
CA GLY D 142 -7.13 13.09 3.11
C GLY D 142 -8.03 12.75 1.94
N LYS D 143 -8.19 11.46 1.65
CA LYS D 143 -9.13 11.01 0.61
C LYS D 143 -9.50 9.56 0.86
N PHE D 144 -10.52 9.07 0.14
CA PHE D 144 -10.96 7.72 0.35
C PHE D 144 -9.93 6.76 -0.21
N PRO D 145 -9.78 5.58 0.42
CA PRO D 145 -8.75 4.64 -0.06
C PRO D 145 -9.02 4.19 -1.51
N GLU D 146 -7.97 4.11 -2.32
N GLU D 146 -7.95 4.08 -2.31
CA GLU D 146 -8.10 3.62 -3.69
CA GLU D 146 -8.06 3.62 -3.69
C GLU D 146 -8.45 2.14 -3.81
C GLU D 146 -8.38 2.15 -3.85
N VAL D 147 -7.99 1.32 -2.86
CA VAL D 147 -8.13 -0.16 -2.92
C VAL D 147 -7.70 -0.66 -4.31
N ALA D 148 -6.55 -0.20 -4.73
CA ALA D 148 -5.99 -0.49 -6.01
C ALA D 148 -5.77 -1.99 -6.24
N GLU D 149 -5.33 -2.71 -5.21
CA GLU D 149 -5.06 -4.13 -5.33
C GLU D 149 -6.35 -4.86 -5.62
N CYS D 152 -7.57 -4.18 -9.12
CA CYS D 152 -6.68 -4.90 -10.03
C CYS D 152 -7.07 -6.36 -10.16
N ILE D 154 -10.22 -7.52 -9.48
CA ILE D 154 -11.50 -7.48 -10.16
C ILE D 154 -11.30 -7.39 -11.68
N ARG D 155 -10.35 -6.55 -12.09
CA ARG D 155 -10.09 -6.33 -13.51
C ARG D 155 -9.58 -7.59 -14.23
N HIS D 156 -8.76 -8.38 -13.54
N HIS D 156 -8.72 -8.37 -13.56
CA HIS D 156 -8.23 -9.61 -14.11
CA HIS D 156 -8.26 -9.60 -14.17
C HIS D 156 -9.20 -10.82 -14.04
C HIS D 156 -9.40 -10.61 -14.29
N ILE D 157 -10.29 -10.63 -13.29
CA ILE D 157 -11.39 -11.59 -13.23
C ILE D 157 -12.48 -11.23 -14.26
N TYR D 158 -12.92 -9.97 -14.27
CA TYR D 158 -14.03 -9.54 -15.10
C TYR D 158 -13.66 -8.87 -16.44
N GLY D 159 -12.37 -8.55 -16.62
CA GLY D 159 -11.87 -7.93 -17.86
C GLY D 159 -12.06 -6.42 -17.94
N ASP D 160 -11.36 -5.81 -18.89
CA ASP D 160 -11.28 -4.36 -19.06
C ASP D 160 -12.65 -3.71 -19.30
N ASP D 161 -13.51 -4.41 -20.04
CA ASP D 161 -14.82 -3.88 -20.39
C ASP D 161 -15.71 -3.66 -19.19
N PHE D 162 -15.65 -4.59 -18.23
CA PHE D 162 -16.40 -4.50 -16.96
C PHE D 162 -16.02 -3.25 -16.17
N GLU D 164 -14.98 -0.37 -17.15
CA GLU D 164 -15.43 0.91 -17.72
C GLU D 164 -16.65 1.53 -17.03
N ILE D 165 -17.47 0.72 -16.37
CA ILE D 165 -18.56 1.25 -15.53
C ILE D 165 -18.08 2.17 -14.39
N PHE D 166 -16.80 2.06 -14.01
CA PHE D 166 -16.24 2.92 -12.97
C PHE D 166 -15.93 4.35 -13.45
N GLU D 167 -15.82 4.56 -14.76
CA GLU D 167 -15.64 5.91 -15.33
C GLU D 167 -16.94 6.62 -15.63
N THR D 168 -17.92 5.86 -16.11
CA THR D 168 -19.25 6.41 -16.39
C THR D 168 -19.92 6.81 -15.10
N SER D 169 -19.77 6.00 -14.06
CA SER D 169 -20.43 6.27 -12.78
C SER D 169 -19.82 7.46 -12.05
N LEU D 170 -18.52 7.69 -12.25
CA LEU D 170 -17.91 9.00 -11.94
C LEU D 170 -18.61 10.12 -12.73
N THR D 171 -18.51 10.06 -14.07
CA THR D 171 -19.23 11.00 -14.96
C THR D 171 -20.75 10.72 -15.02
#